data_9C6W
#
_entry.id   9C6W
#
_cell.length_a   75.244
_cell.length_b   84.237
_cell.length_c   149.204
_cell.angle_alpha   90.00
_cell.angle_beta   90.00
_cell.angle_gamma   90.00
#
_symmetry.space_group_name_H-M   'P 21 21 21'
#
loop_
_entity.id
_entity.type
_entity.pdbx_description
1 polymer 'NACHT, LRR and PYD domains-containing protein 2,Beta-2-microglobulin,MHC class I antigen'
2 non-polymer 'SULFATE ION'
3 non-polymer 1,2-ETHANEDIOL
4 non-polymer DI(HYDROXYETHYL)ETHER
5 non-polymer 'CHLORIDE ION'
6 non-polymer 3,6,9,12,15-PENTAOXAHEPTADECANE
7 non-polymer GLYCEROL
8 water water
#
_entity_poly.entity_id   1
_entity_poly.type   'polypeptide(L)'
_entity_poly.pdbx_seq_one_letter_code
;NRVMLPKAAGCGASGGGGSGGGGSMIQRTPKIQVYSRHPAENGKSNFLNCYVSGFHPSDIEVDLLKNGERIEKVEHSDLS
FSKDWSFYLLYYTEFTPTEKDEYACRVNHVTLSQPKIVKWDRDMGGGGSGGGGSGGGGSGGGGSGSHSMRYFYTSVSRPG
RGEPRFISVGYVDDTQFVRFDSDAASPREEPRAPWIEQEGPEYWDRNTQICKTNTQTDRESLRNLRGCYNQSEAGSHTWQ
TMYGCDVGPDGRLLRGHNQFAYDGKDYIALNEDLSSWTAADTAAQITQRKWEAARVAEQLRTYLEGTCVEWLRRYLENGK
ETLQRADPPKTHVTHHPISDHEATLRCWALGFYPAEITLTWQRDGEDQTQDTELVETRPAGDRTFQKWAAVVVPSGEEQR
YTCHVQHEGLPKPLTLRWE
;
_entity_poly.pdbx_strand_id   A,B
#
loop_
_chem_comp.id
_chem_comp.type
_chem_comp.name
_chem_comp.formula
CL non-polymer 'CHLORIDE ION' 'Cl -1'
EDO non-polymer 1,2-ETHANEDIOL 'C2 H6 O2'
GOL non-polymer GLYCEROL 'C3 H8 O3'
P3G non-polymer 3,6,9,12,15-PENTAOXAHEPTADECANE 'C12 H26 O5'
PEG non-polymer DI(HYDROXYETHYL)ETHER 'C4 H10 O3'
SO4 non-polymer 'SULFATE ION' 'O4 S -2'
#
# COMPACT_ATOMS: atom_id res chain seq x y z
N ASN A 1 19.69 -11.16 -23.54
CA ASN A 1 20.23 -12.36 -22.85
C ASN A 1 20.19 -12.17 -21.35
N ARG A 2 19.80 -13.21 -20.61
CA ARG A 2 19.45 -13.08 -19.21
C ARG A 2 20.66 -13.21 -18.29
N VAL A 3 20.40 -12.98 -17.00
CA VAL A 3 21.38 -13.17 -15.94
C VAL A 3 20.73 -14.02 -14.85
N MET A 4 21.54 -14.85 -14.19
CA MET A 4 21.04 -15.59 -13.04
C MET A 4 20.91 -14.66 -11.85
N LEU A 5 19.77 -14.75 -11.14
CA LEU A 5 19.40 -13.81 -10.09
C LEU A 5 19.68 -14.40 -8.71
N PRO A 6 19.89 -13.52 -7.73
CA PRO A 6 20.11 -13.97 -6.36
C PRO A 6 18.80 -14.35 -5.67
N LYS A 7 18.95 -14.95 -4.49
CA LYS A 7 17.84 -15.44 -3.68
C LYS A 7 17.62 -14.52 -2.47
N ALA A 8 16.36 -14.14 -2.21
CA ALA A 8 16.05 -13.41 -0.98
C ALA A 8 16.49 -14.24 0.23
N ALA A 9 16.97 -13.54 1.25
CA ALA A 9 17.53 -14.21 2.42
C ALA A 9 16.46 -14.60 3.42
N GLY A 10 16.70 -15.74 4.08
CA GLY A 10 15.86 -16.11 5.20
C GLY A 10 16.18 -15.29 6.44
N CYS A 11 15.18 -15.16 7.29
CA CYS A 11 15.29 -14.30 8.46
C CYS A 11 15.50 -15.12 9.74
N GLY A 23 3.66 -8.01 7.88
CA GLY A 23 3.38 -8.16 6.47
C GLY A 23 2.33 -7.19 5.95
N SER A 24 2.52 -6.72 4.74
CA SER A 24 1.50 -5.92 4.08
C SER A 24 1.44 -6.30 2.61
N MET A 25 0.29 -6.04 2.01
CA MET A 25 -0.01 -6.55 0.68
C MET A 25 -0.81 -5.50 -0.06
N ILE A 26 -0.39 -5.17 -1.28
CA ILE A 26 -1.10 -4.20 -2.10
C ILE A 26 -2.19 -4.88 -2.88
N GLN A 27 -3.34 -4.24 -2.98
CA GLN A 27 -4.40 -4.66 -3.88
C GLN A 27 -4.71 -3.50 -4.80
N ARG A 28 -4.72 -3.76 -6.11
CA ARG A 28 -5.07 -2.75 -7.11
C ARG A 28 -6.15 -3.30 -8.03
N THR A 29 -7.17 -2.47 -8.30
CA THR A 29 -8.28 -2.92 -9.11
CA THR A 29 -8.32 -2.83 -9.11
C THR A 29 -7.98 -2.71 -10.60
N PRO A 30 -8.38 -3.66 -11.43
CA PRO A 30 -8.06 -3.57 -12.87
C PRO A 30 -8.76 -2.40 -13.54
N LYS A 31 -8.01 -1.76 -14.43
CA LYS A 31 -8.54 -0.79 -15.38
C LYS A 31 -8.82 -1.52 -16.68
N ILE A 32 -10.00 -1.31 -17.25
CA ILE A 32 -10.47 -2.10 -18.37
C ILE A 32 -10.78 -1.19 -19.55
N GLN A 33 -10.20 -1.51 -20.71
CA GLN A 33 -10.57 -0.84 -21.96
C GLN A 33 -10.90 -1.88 -23.03
N VAL A 34 -12.01 -1.66 -23.74
CA VAL A 34 -12.48 -2.53 -24.81
C VAL A 34 -12.47 -1.73 -26.11
N TYR A 35 -11.80 -2.26 -27.13
CA TYR A 35 -11.61 -1.48 -28.34
C TYR A 35 -11.15 -2.38 -29.47
N SER A 36 -11.24 -1.87 -30.70
CA SER A 36 -10.75 -2.59 -31.86
C SER A 36 -9.34 -2.11 -32.23
N ARG A 37 -8.57 -3.00 -32.85
CA ARG A 37 -7.20 -2.67 -33.25
C ARG A 37 -7.19 -1.50 -34.22
N HIS A 38 -8.02 -1.61 -35.26
CA HIS A 38 -8.12 -0.54 -36.28
C HIS A 38 -9.57 -0.07 -36.29
N PRO A 39 -9.94 1.11 -36.86
CA PRO A 39 -11.35 1.46 -36.96
C PRO A 39 -12.14 0.27 -37.47
N ALA A 40 -13.20 -0.11 -36.74
CA ALA A 40 -14.00 -1.31 -37.13
C ALA A 40 -14.76 -1.05 -38.42
N GLU A 41 -14.82 -2.06 -39.30
CA GLU A 41 -15.60 -1.91 -40.57
C GLU A 41 -16.72 -2.97 -40.57
N ASN A 42 -17.92 -2.59 -41.01
CA ASN A 42 -19.09 -3.51 -40.94
C ASN A 42 -18.89 -4.78 -41.78
N GLY A 43 -17.79 -4.92 -42.53
CA GLY A 43 -17.63 -6.19 -43.25
C GLY A 43 -16.17 -6.58 -43.37
N LYS A 44 -15.32 -5.96 -42.57
CA LYS A 44 -13.87 -6.21 -42.70
C LYS A 44 -13.29 -6.84 -41.43
N SER A 45 -12.40 -7.82 -41.59
CA SER A 45 -11.78 -8.48 -40.44
C SER A 45 -11.09 -7.45 -39.57
N ASN A 46 -11.06 -7.70 -38.27
CA ASN A 46 -10.47 -6.77 -37.32
C ASN A 46 -10.04 -7.59 -36.11
N PHE A 47 -9.61 -6.90 -35.06
CA PHE A 47 -9.32 -7.54 -33.79
C PHE A 47 -10.06 -6.80 -32.69
N LEU A 48 -10.79 -7.57 -31.85
CA LEU A 48 -11.41 -7.03 -30.65
C LEU A 48 -10.45 -7.21 -29.49
N ASN A 49 -10.10 -6.09 -28.83
CA ASN A 49 -9.13 -6.06 -27.74
C ASN A 49 -9.82 -5.77 -26.42
N CYS A 50 -9.41 -6.47 -25.36
CA CYS A 50 -9.75 -6.09 -23.99
C CYS A 50 -8.44 -5.93 -23.22
N TYR A 51 -8.10 -4.69 -22.88
CA TYR A 51 -6.86 -4.39 -22.20
C TYR A 51 -7.14 -4.18 -20.72
N VAL A 52 -6.56 -5.02 -19.87
CA VAL A 52 -6.77 -4.93 -18.43
CA VAL A 52 -6.76 -4.96 -18.43
C VAL A 52 -5.43 -4.59 -17.80
N SER A 53 -5.38 -3.48 -17.07
CA SER A 53 -4.09 -2.98 -16.59
C SER A 53 -4.20 -2.47 -15.16
N GLY A 54 -3.03 -2.25 -14.56
CA GLY A 54 -2.93 -1.67 -13.24
C GLY A 54 -3.44 -2.51 -12.08
N PHE A 55 -3.46 -3.84 -12.20
CA PHE A 55 -4.06 -4.66 -11.15
C PHE A 55 -3.01 -5.44 -10.35
N HIS A 56 -3.42 -5.87 -9.16
CA HIS A 56 -2.59 -6.67 -8.27
C HIS A 56 -3.52 -7.26 -7.22
N PRO A 57 -3.42 -8.55 -6.90
CA PRO A 57 -2.48 -9.56 -7.43
C PRO A 57 -2.80 -9.99 -8.87
N SER A 58 -2.03 -10.93 -9.42
CA SER A 58 -2.11 -11.22 -10.84
C SER A 58 -3.27 -12.14 -11.22
N ASP A 59 -3.87 -12.84 -10.27
CA ASP A 59 -4.96 -13.75 -10.59
C ASP A 59 -6.13 -12.95 -11.14
N ILE A 60 -6.56 -13.28 -12.36
CA ILE A 60 -7.63 -12.53 -13.00
C ILE A 60 -8.33 -13.44 -14.01
N GLU A 61 -9.63 -13.20 -14.21
CA GLU A 61 -10.39 -13.91 -15.23
C GLU A 61 -10.96 -12.88 -16.19
N VAL A 62 -10.75 -13.08 -17.49
CA VAL A 62 -11.17 -12.14 -18.52
C VAL A 62 -11.82 -12.94 -19.65
N ASP A 63 -13.07 -12.61 -19.97
CA ASP A 63 -13.77 -13.21 -21.09
C ASP A 63 -14.24 -12.11 -22.05
N LEU A 64 -14.21 -12.42 -23.34
CA LEU A 64 -14.81 -11.56 -24.36
C LEU A 64 -16.19 -12.10 -24.69
N LEU A 65 -17.15 -11.20 -24.82
CA LEU A 65 -18.55 -11.58 -25.04
C LEU A 65 -19.00 -11.13 -26.42
N LYS A 66 -19.76 -11.98 -27.10
CA LYS A 66 -20.46 -11.62 -28.33
C LYS A 66 -21.94 -11.86 -28.08
N ASN A 67 -22.72 -10.78 -28.09
CA ASN A 67 -24.15 -10.84 -27.84
C ASN A 67 -24.44 -11.65 -26.57
N GLY A 68 -23.70 -11.34 -25.51
CA GLY A 68 -23.83 -12.00 -24.23
C GLY A 68 -23.15 -13.34 -24.12
N GLU A 69 -22.76 -13.93 -25.25
CA GLU A 69 -22.11 -15.24 -25.28
C GLU A 69 -20.59 -15.09 -25.16
N ARG A 70 -19.97 -16.03 -24.45
CA ARG A 70 -18.53 -16.01 -24.28
C ARG A 70 -17.85 -16.53 -25.54
N ILE A 71 -16.90 -15.76 -26.03
CA ILE A 71 -16.13 -16.12 -27.23
C ILE A 71 -15.10 -17.18 -26.86
N GLU A 72 -15.03 -18.24 -27.66
CA GLU A 72 -14.26 -19.42 -27.28
C GLU A 72 -12.76 -19.26 -27.57
N LYS A 73 -12.40 -18.72 -28.73
CA LYS A 73 -11.01 -18.68 -29.17
C LYS A 73 -10.47 -17.27 -28.92
N VAL A 74 -10.12 -17.01 -27.66
CA VAL A 74 -9.54 -15.75 -27.24
C VAL A 74 -8.11 -16.01 -26.78
N GLU A 75 -7.17 -15.23 -27.29
CA GLU A 75 -5.78 -15.29 -26.87
C GLU A 75 -5.48 -14.14 -25.91
N HIS A 76 -4.36 -14.25 -25.21
CA HIS A 76 -3.94 -13.12 -24.39
C HIS A 76 -2.43 -13.05 -24.36
N SER A 77 -1.96 -11.85 -24.04
CA SER A 77 -0.53 -11.57 -23.95
C SER A 77 0.06 -12.25 -22.73
N ASP A 78 1.38 -12.35 -22.70
CA ASP A 78 2.07 -12.92 -21.56
C ASP A 78 2.10 -11.92 -20.42
N LEU A 79 1.85 -12.41 -19.20
CA LEU A 79 1.81 -11.55 -18.02
C LEU A 79 3.07 -10.69 -17.88
N SER A 80 2.86 -9.38 -17.74
CA SER A 80 3.94 -8.42 -17.57
C SER A 80 3.44 -7.34 -16.61
N PHE A 81 4.32 -6.39 -16.27
CA PHE A 81 3.93 -5.40 -15.29
C PHE A 81 4.63 -4.07 -15.55
N SER A 82 4.08 -3.03 -14.93
CA SER A 82 4.51 -1.67 -15.10
C SER A 82 5.49 -1.29 -13.98
N LYS A 83 5.98 -0.05 -14.01
CA LYS A 83 7.01 0.37 -13.06
C LYS A 83 6.50 0.32 -11.62
N ASP A 84 5.20 0.51 -11.40
CA ASP A 84 4.66 0.42 -10.04
C ASP A 84 4.35 -1.00 -9.61
N TRP A 85 4.80 -2.01 -10.37
CA TRP A 85 4.63 -3.45 -10.19
C TRP A 85 3.24 -3.94 -10.55
N SER A 86 2.32 -3.06 -10.99
CA SER A 86 0.98 -3.51 -11.31
C SER A 86 0.98 -4.23 -12.67
N PHE A 87 0.08 -5.23 -12.78
CA PHE A 87 0.08 -6.12 -13.94
C PHE A 87 -0.78 -5.58 -15.07
N TYR A 88 -0.48 -6.06 -16.29
CA TYR A 88 -1.33 -5.76 -17.42
C TYR A 88 -1.38 -6.96 -18.35
N LEU A 89 -2.54 -7.11 -19.01
CA LEU A 89 -2.79 -8.20 -19.94
C LEU A 89 -3.65 -7.68 -21.07
N LEU A 90 -3.37 -8.11 -22.29
CA LEU A 90 -4.22 -7.87 -23.44
C LEU A 90 -4.89 -9.18 -23.84
N TYR A 91 -6.22 -9.19 -23.85
CA TYR A 91 -7.01 -10.28 -24.39
C TYR A 91 -7.60 -9.86 -25.74
N TYR A 92 -7.61 -10.77 -26.71
CA TYR A 92 -7.97 -10.36 -28.06
C TYR A 92 -8.47 -11.54 -28.87
N THR A 93 -9.24 -11.23 -29.90
CA THR A 93 -9.66 -12.23 -30.87
C THR A 93 -9.94 -11.53 -32.20
N GLU A 94 -9.67 -12.23 -33.30
CA GLU A 94 -10.06 -11.68 -34.59
C GLU A 94 -11.57 -11.73 -34.72
N PHE A 95 -12.14 -10.70 -35.34
CA PHE A 95 -13.59 -10.68 -35.52
C PHE A 95 -13.92 -9.76 -36.67
N THR A 96 -15.10 -9.99 -37.24
CA THR A 96 -15.64 -9.11 -38.27
C THR A 96 -16.86 -8.40 -37.71
N PRO A 97 -16.75 -7.15 -37.30
CA PRO A 97 -17.90 -6.47 -36.70
C PRO A 97 -19.02 -6.26 -37.71
N THR A 98 -20.24 -6.21 -37.18
CA THR A 98 -21.42 -5.89 -37.98
C THR A 98 -22.13 -4.70 -37.35
N GLU A 99 -23.24 -4.28 -37.98
CA GLU A 99 -23.98 -3.14 -37.46
C GLU A 99 -24.59 -3.45 -36.09
N LYS A 100 -25.08 -4.67 -35.90
CA LYS A 100 -25.90 -5.01 -34.75
C LYS A 100 -25.22 -5.92 -33.72
N ASP A 101 -24.18 -6.66 -34.09
CA ASP A 101 -23.50 -7.52 -33.13
C ASP A 101 -22.88 -6.67 -32.03
N GLU A 102 -23.04 -7.12 -30.78
CA GLU A 102 -22.59 -6.35 -29.65
C GLU A 102 -21.53 -7.14 -28.88
N TYR A 103 -20.42 -6.47 -28.58
CA TYR A 103 -19.29 -7.10 -27.95
C TYR A 103 -19.00 -6.42 -26.62
N ALA A 104 -18.37 -7.17 -25.71
CA ALA A 104 -18.07 -6.66 -24.38
C ALA A 104 -16.97 -7.52 -23.78
N CYS A 105 -16.44 -7.05 -22.66
CA CYS A 105 -15.39 -7.73 -21.91
C CYS A 105 -15.85 -7.90 -20.47
N ARG A 106 -15.68 -9.10 -19.91
CA ARG A 106 -16.08 -9.38 -18.54
C ARG A 106 -14.84 -9.81 -17.75
N VAL A 107 -14.63 -9.16 -16.60
CA VAL A 107 -13.40 -9.27 -15.82
C VAL A 107 -13.75 -9.59 -14.38
N ASN A 108 -13.07 -10.57 -13.79
CA ASN A 108 -13.26 -10.86 -12.36
C ASN A 108 -11.90 -10.86 -11.67
N HIS A 109 -11.87 -10.27 -10.48
CA HIS A 109 -10.64 -10.05 -9.73
C HIS A 109 -11.00 -9.90 -8.26
N VAL A 110 -10.04 -10.21 -7.37
CA VAL A 110 -10.33 -10.19 -5.94
C VAL A 110 -10.82 -8.82 -5.47
N THR A 111 -10.43 -7.75 -6.18
CA THR A 111 -10.84 -6.40 -5.81
C THR A 111 -12.24 -6.05 -6.28
N LEU A 112 -12.93 -6.93 -7.01
CA LEU A 112 -14.25 -6.63 -7.56
C LEU A 112 -15.33 -7.39 -6.80
N SER A 113 -16.43 -6.71 -6.47
CA SER A 113 -17.50 -7.39 -5.74
C SER A 113 -18.36 -8.25 -6.64
N GLN A 114 -18.32 -8.02 -7.94
CA GLN A 114 -18.95 -8.86 -8.94
C GLN A 114 -18.19 -8.67 -10.24
N PRO A 115 -18.27 -9.63 -11.17
CA PRO A 115 -17.56 -9.46 -12.44
C PRO A 115 -17.99 -8.18 -13.15
N LYS A 116 -17.01 -7.42 -13.61
CA LYS A 116 -17.27 -6.13 -14.26
C LYS A 116 -17.37 -6.33 -15.76
N ILE A 117 -18.45 -5.80 -16.35
CA ILE A 117 -18.69 -5.92 -17.78
C ILE A 117 -18.54 -4.54 -18.41
N VAL A 118 -17.65 -4.44 -19.39
CA VAL A 118 -17.43 -3.21 -20.15
C VAL A 118 -17.80 -3.48 -21.61
N LYS A 119 -18.71 -2.69 -22.14
CA LYS A 119 -19.20 -2.87 -23.50
C LYS A 119 -18.26 -2.20 -24.49
N TRP A 120 -18.09 -2.82 -25.66
CA TRP A 120 -17.35 -2.21 -26.74
C TRP A 120 -18.16 -1.04 -27.29
N ASP A 121 -17.68 0.17 -27.05
CA ASP A 121 -18.34 1.38 -27.55
C ASP A 121 -17.56 1.81 -28.78
N GLY A 143 13.58 8.07 -34.54
CA GLY A 143 13.21 8.50 -33.21
C GLY A 143 14.32 9.18 -32.43
N SER A 144 14.32 8.96 -31.11
CA SER A 144 15.29 9.61 -30.23
C SER A 144 16.68 9.00 -30.34
N GLY A 145 16.76 7.70 -30.61
CA GLY A 145 18.03 7.01 -30.62
C GLY A 145 18.36 6.26 -29.34
N SER A 146 17.62 6.51 -28.25
CA SER A 146 17.86 5.79 -27.01
C SER A 146 16.94 4.57 -26.89
N HIS A 147 17.44 3.54 -26.20
CA HIS A 147 16.73 2.26 -26.17
C HIS A 147 16.90 1.59 -24.82
N SER A 148 16.05 0.60 -24.56
CA SER A 148 16.13 -0.13 -23.32
C SER A 148 15.89 -1.61 -23.55
N MET A 149 16.44 -2.41 -22.67
CA MET A 149 16.09 -3.82 -22.58
C MET A 149 15.63 -4.10 -21.16
N ARG A 150 14.55 -4.87 -21.01
CA ARG A 150 14.06 -5.26 -19.69
C ARG A 150 13.67 -6.72 -19.69
N TYR A 151 13.93 -7.40 -18.57
CA TYR A 151 13.30 -8.68 -18.29
C TYR A 151 12.43 -8.51 -17.06
N PHE A 152 11.22 -9.06 -17.14
CA PHE A 152 10.24 -8.97 -16.06
C PHE A 152 9.94 -10.39 -15.61
N TYR A 153 9.99 -10.64 -14.30
CA TYR A 153 9.74 -11.95 -13.74
C TYR A 153 8.60 -11.86 -12.72
N THR A 154 7.67 -12.81 -12.79
CA THR A 154 6.59 -12.88 -11.79
C THR A 154 6.51 -14.31 -11.29
N SER A 155 6.71 -14.52 -9.98
CA SER A 155 6.48 -15.82 -9.36
C SER A 155 5.36 -15.68 -8.34
N VAL A 156 4.39 -16.58 -8.41
CA VAL A 156 3.20 -16.52 -7.55
C VAL A 156 2.99 -17.89 -6.93
N SER A 157 2.98 -17.95 -5.59
CA SER A 157 2.73 -19.25 -4.99
C SER A 157 1.26 -19.63 -5.11
N ARG A 158 1.02 -20.94 -5.15
CA ARG A 158 -0.31 -21.51 -5.40
C ARG A 158 -0.56 -22.55 -4.32
N PRO A 159 -0.83 -22.12 -3.09
CA PRO A 159 -0.95 -23.07 -1.98
C PRO A 159 -2.03 -24.12 -2.27
N GLY A 160 -1.68 -25.38 -2.05
CA GLY A 160 -2.59 -26.48 -2.31
C GLY A 160 -2.77 -26.85 -3.76
N ARG A 161 -2.06 -26.20 -4.67
CA ARG A 161 -2.27 -26.38 -6.11
C ARG A 161 -0.95 -26.56 -6.84
N GLY A 162 0.07 -27.08 -6.17
CA GLY A 162 1.34 -27.35 -6.81
C GLY A 162 2.37 -26.28 -6.52
N GLU A 163 3.36 -26.24 -7.39
CA GLU A 163 4.48 -25.30 -7.27
C GLU A 163 4.09 -23.91 -7.75
N PRO A 164 4.84 -22.89 -7.37
CA PRO A 164 4.54 -21.54 -7.85
C PRO A 164 4.53 -21.45 -9.38
N ARG A 165 3.70 -20.54 -9.87
CA ARG A 165 3.63 -20.20 -11.29
C ARG A 165 4.72 -19.17 -11.58
N PHE A 166 5.63 -19.48 -12.51
CA PHE A 166 6.74 -18.59 -12.88
C PHE A 166 6.54 -18.16 -14.33
N ILE A 167 6.46 -16.85 -14.56
CA ILE A 167 6.28 -16.29 -15.90
C ILE A 167 7.29 -15.16 -16.07
N SER A 168 8.07 -15.20 -17.14
CA SER A 168 9.05 -14.16 -17.40
C SER A 168 8.95 -13.71 -18.84
N VAL A 169 9.09 -12.41 -19.09
CA VAL A 169 9.10 -11.90 -20.45
C VAL A 169 10.28 -10.97 -20.62
N GLY A 170 10.76 -10.85 -21.86
CA GLY A 170 11.82 -9.92 -22.19
C GLY A 170 11.33 -8.93 -23.23
N TYR A 171 11.74 -7.67 -23.08
CA TYR A 171 11.38 -6.58 -23.99
C TYR A 171 12.61 -5.82 -24.44
N VAL A 172 12.60 -5.41 -25.71
CA VAL A 172 13.43 -4.29 -26.17
C VAL A 172 12.49 -3.13 -26.43
N ASP A 173 12.72 -2.00 -25.76
CA ASP A 173 11.75 -0.93 -25.72
C ASP A 173 10.38 -1.51 -25.42
N ASP A 174 9.38 -1.30 -26.29
CA ASP A 174 8.03 -1.82 -26.05
C ASP A 174 7.71 -3.03 -26.91
N THR A 175 8.74 -3.75 -27.38
CA THR A 175 8.57 -4.92 -28.22
C THR A 175 8.98 -6.14 -27.41
N GLN A 176 8.02 -7.02 -27.12
CA GLN A 176 8.37 -8.26 -26.44
C GLN A 176 9.11 -9.16 -27.40
N PHE A 177 10.13 -9.87 -26.91
CA PHE A 177 10.87 -10.77 -27.79
C PHE A 177 11.07 -12.17 -27.25
N VAL A 178 10.91 -12.42 -25.94
CA VAL A 178 10.92 -13.77 -25.41
C VAL A 178 9.89 -13.92 -24.31
N ARG A 179 9.51 -15.16 -24.04
CA ARG A 179 8.68 -15.47 -22.89
CA ARG A 179 8.68 -15.47 -22.89
C ARG A 179 9.09 -16.83 -22.35
N PHE A 180 8.90 -17.02 -21.05
CA PHE A 180 9.08 -18.32 -20.42
C PHE A 180 7.91 -18.51 -19.46
N ASP A 181 7.29 -19.68 -19.49
CA ASP A 181 6.15 -19.96 -18.61
C ASP A 181 6.33 -21.35 -18.02
N SER A 182 6.40 -21.43 -16.68
CA SER A 182 6.61 -22.73 -16.04
C SER A 182 5.43 -23.67 -16.22
N ASP A 183 4.27 -23.17 -16.67
CA ASP A 183 3.13 -24.05 -16.91
C ASP A 183 3.02 -24.53 -18.35
N ALA A 184 3.94 -24.13 -19.22
CA ALA A 184 3.95 -24.68 -20.57
C ALA A 184 4.22 -26.18 -20.50
N ALA A 185 3.79 -26.90 -21.54
CA ALA A 185 4.00 -28.34 -21.57
C ALA A 185 5.49 -28.67 -21.51
N SER A 186 6.32 -27.92 -22.23
CA SER A 186 7.77 -28.05 -22.17
C SER A 186 8.34 -26.65 -21.94
N PRO A 187 8.47 -26.23 -20.67
CA PRO A 187 8.91 -24.86 -20.41
C PRO A 187 10.28 -24.60 -21.03
N ARG A 188 10.36 -23.49 -21.76
CA ARG A 188 11.60 -23.10 -22.42
C ARG A 188 11.47 -21.63 -22.74
N GLU A 189 12.62 -20.99 -22.95
CA GLU A 189 12.63 -19.66 -23.51
C GLU A 189 12.12 -19.74 -24.95
N GLU A 190 11.04 -19.01 -25.24
CA GLU A 190 10.34 -19.04 -26.51
C GLU A 190 10.45 -17.72 -27.24
N PRO A 191 10.71 -17.73 -28.55
CA PRO A 191 10.77 -16.46 -29.29
C PRO A 191 9.40 -15.84 -29.42
N ARG A 192 9.37 -14.50 -29.36
CA ARG A 192 8.13 -13.76 -29.56
C ARG A 192 8.29 -12.59 -30.52
N ALA A 193 9.45 -12.46 -31.17
CA ALA A 193 9.69 -11.43 -32.18
C ALA A 193 10.46 -12.06 -33.33
N PRO A 194 10.25 -11.60 -34.57
CA PRO A 194 10.91 -12.27 -35.70
C PRO A 194 12.42 -12.18 -35.66
N TRP A 195 12.98 -11.06 -35.19
CA TRP A 195 14.42 -10.84 -35.24
C TRP A 195 15.20 -11.61 -34.18
N ILE A 196 14.54 -12.29 -33.24
CA ILE A 196 15.26 -13.12 -32.28
C ILE A 196 15.34 -14.58 -32.76
N GLU A 197 14.53 -14.96 -33.73
CA GLU A 197 14.46 -16.36 -34.15
C GLU A 197 15.79 -16.86 -34.71
N GLN A 198 16.63 -15.98 -35.23
CA GLN A 198 17.91 -16.36 -35.81
C GLN A 198 18.95 -16.74 -34.78
N GLU A 199 18.72 -16.49 -33.49
CA GLU A 199 19.68 -16.93 -32.49
C GLU A 199 19.76 -18.45 -32.52
N GLY A 200 20.98 -18.97 -32.33
CA GLY A 200 21.22 -20.38 -32.45
C GLY A 200 20.81 -21.14 -31.20
N PRO A 201 20.99 -22.46 -31.26
CA PRO A 201 20.53 -23.32 -30.17
C PRO A 201 21.21 -23.04 -28.85
N GLU A 202 22.47 -22.60 -28.87
CA GLU A 202 23.16 -22.24 -27.64
C GLU A 202 22.42 -21.14 -26.91
N TYR A 203 21.89 -20.17 -27.65
CA TYR A 203 21.18 -19.06 -27.03
C TYR A 203 19.91 -19.56 -26.32
N TRP A 204 19.14 -20.40 -27.00
CA TRP A 204 17.89 -20.86 -26.40
C TRP A 204 18.17 -21.80 -25.23
N ASP A 205 19.18 -22.65 -25.36
CA ASP A 205 19.53 -23.55 -24.27
C ASP A 205 19.97 -22.77 -23.05
N ARG A 206 20.85 -21.79 -23.26
CA ARG A 206 21.38 -20.99 -22.16
C ARG A 206 20.27 -20.24 -21.45
N ASN A 207 19.41 -19.55 -22.21
CA ASN A 207 18.40 -18.75 -21.56
C ASN A 207 17.29 -19.60 -20.95
N THR A 208 17.02 -20.79 -21.53
CA THR A 208 16.10 -21.71 -20.87
C THR A 208 16.67 -22.17 -19.53
N GLN A 209 17.97 -22.48 -19.49
CA GLN A 209 18.56 -22.92 -18.24
C GLN A 209 18.48 -21.82 -17.20
N ILE A 210 18.82 -20.59 -17.59
CA ILE A 210 18.75 -19.48 -16.64
C ILE A 210 17.34 -19.33 -16.09
N CYS A 211 16.31 -19.48 -16.95
CA CYS A 211 14.93 -19.40 -16.47
C CYS A 211 14.60 -20.53 -15.52
N LYS A 212 15.00 -21.76 -15.85
CA LYS A 212 14.67 -22.89 -15.00
C LYS A 212 15.35 -22.74 -13.64
N THR A 213 16.60 -22.28 -13.65
CA THR A 213 17.31 -22.04 -12.40
C THR A 213 16.62 -20.94 -11.62
N ASN A 214 16.22 -19.87 -12.30
CA ASN A 214 15.58 -18.75 -11.60
C ASN A 214 14.21 -19.16 -11.05
N THR A 215 13.52 -20.12 -11.68
CA THR A 215 12.27 -20.65 -11.13
CA THR A 215 12.27 -20.62 -11.11
C THR A 215 12.51 -21.19 -9.72
N GLN A 216 13.58 -21.97 -9.57
CA GLN A 216 13.89 -22.59 -8.28
C GLN A 216 14.38 -21.56 -7.28
N THR A 217 15.20 -20.61 -7.74
CA THR A 217 15.62 -19.51 -6.88
C THR A 217 14.42 -18.74 -6.34
N ASP A 218 13.47 -18.43 -7.22
CA ASP A 218 12.26 -17.72 -6.78
C ASP A 218 11.44 -18.53 -5.81
N ARG A 219 11.37 -19.86 -6.00
CA ARG A 219 10.66 -20.69 -5.04
CA ARG A 219 10.66 -20.69 -5.04
C ARG A 219 11.30 -20.59 -3.67
N GLU A 220 12.63 -20.56 -3.63
CA GLU A 220 13.35 -20.41 -2.38
C GLU A 220 13.17 -19.01 -1.80
N SER A 221 13.12 -17.99 -2.66
CA SER A 221 12.86 -16.64 -2.17
C SER A 221 11.48 -16.56 -1.53
N LEU A 222 10.47 -17.12 -2.18
CA LEU A 222 9.13 -17.08 -1.61
C LEU A 222 9.08 -17.77 -0.25
N ARG A 223 9.77 -18.91 -0.12
CA ARG A 223 9.79 -19.62 1.15
C ARG A 223 10.47 -18.79 2.23
N ASN A 224 11.59 -18.17 1.88
CA ASN A 224 12.29 -17.34 2.86
C ASN A 224 11.47 -16.12 3.26
N LEU A 225 10.77 -15.50 2.30
CA LEU A 225 9.99 -14.31 2.61
C LEU A 225 8.80 -14.62 3.49
N ARG A 226 8.14 -15.77 3.30
CA ARG A 226 7.10 -16.18 4.23
CA ARG A 226 7.10 -16.20 4.23
C ARG A 226 7.61 -16.21 5.65
N GLY A 227 8.81 -16.75 5.85
CA GLY A 227 9.36 -16.84 7.19
C GLY A 227 9.66 -15.48 7.77
N CYS A 228 10.11 -14.54 6.92
CA CYS A 228 10.45 -13.20 7.39
C CYS A 228 9.24 -12.46 7.92
N TYR A 229 8.05 -12.75 7.40
CA TYR A 229 6.83 -12.06 7.81
C TYR A 229 5.87 -12.96 8.59
N ASN A 230 6.35 -14.11 9.08
CA ASN A 230 5.56 -15.04 9.88
C ASN A 230 4.25 -15.40 9.16
N GLN A 231 4.37 -15.69 7.86
CA GLN A 231 3.24 -16.10 7.05
C GLN A 231 3.24 -17.62 6.88
N SER A 232 2.06 -18.20 6.90
CA SER A 232 1.95 -19.65 6.74
C SER A 232 2.04 -20.04 5.26
N GLU A 233 2.09 -21.35 5.03
CA GLU A 233 2.14 -21.82 3.65
C GLU A 233 0.78 -21.77 2.96
N ALA A 234 -0.27 -21.37 3.69
CA ALA A 234 -1.63 -21.44 3.17
C ALA A 234 -2.00 -20.26 2.26
N GLY A 235 -1.24 -19.16 2.29
CA GLY A 235 -1.58 -17.96 1.54
C GLY A 235 -0.74 -17.83 0.28
N SER A 236 -1.31 -17.20 -0.73
CA SER A 236 -0.59 -16.96 -1.99
C SER A 236 0.15 -15.64 -1.89
N HIS A 237 1.39 -15.63 -2.40
CA HIS A 237 2.22 -14.43 -2.38
C HIS A 237 2.92 -14.28 -3.72
N THR A 238 3.38 -13.05 -4.00
CA THR A 238 3.92 -12.67 -5.30
C THR A 238 5.34 -12.14 -5.11
N TRP A 239 6.26 -12.63 -5.93
CA TRP A 239 7.64 -12.13 -5.95
C TRP A 239 7.96 -11.70 -7.37
N GLN A 240 8.23 -10.41 -7.56
CA GLN A 240 8.48 -9.88 -8.89
C GLN A 240 9.89 -9.35 -8.97
N THR A 241 10.51 -9.53 -10.13
CA THR A 241 11.86 -9.03 -10.37
C THR A 241 11.91 -8.30 -11.70
N MET A 242 12.67 -7.23 -11.76
CA MET A 242 12.96 -6.60 -13.04
CA MET A 242 12.95 -6.57 -13.02
C MET A 242 14.45 -6.31 -13.11
N TYR A 243 15.01 -6.40 -14.32
CA TYR A 243 16.34 -5.86 -14.50
C TYR A 243 16.50 -5.45 -15.95
N GLY A 244 17.51 -4.65 -16.23
CA GLY A 244 17.80 -4.32 -17.61
C GLY A 244 18.62 -3.05 -17.70
N CYS A 245 18.83 -2.61 -18.94
CA CYS A 245 19.76 -1.52 -19.19
C CYS A 245 19.14 -0.53 -20.16
N ASP A 246 19.52 0.74 -20.02
CA ASP A 246 19.16 1.80 -20.95
C ASP A 246 20.43 2.22 -21.68
N VAL A 247 20.37 2.36 -23.00
CA VAL A 247 21.53 2.82 -23.76
C VAL A 247 21.17 4.06 -24.55
N GLY A 248 22.20 4.85 -24.88
CA GLY A 248 22.02 6.02 -25.70
C GLY A 248 22.23 5.75 -27.16
N PRO A 249 22.20 6.80 -27.99
CA PRO A 249 22.32 6.61 -29.44
C PRO A 249 23.62 5.97 -29.87
N ASP A 250 24.71 6.17 -29.11
CA ASP A 250 25.98 5.56 -29.46
C ASP A 250 26.16 4.18 -28.83
N GLY A 251 25.14 3.68 -28.12
CA GLY A 251 25.19 2.37 -27.51
C GLY A 251 25.74 2.32 -26.11
N ARG A 252 26.20 3.44 -25.55
CA ARG A 252 26.75 3.43 -24.20
C ARG A 252 25.64 3.20 -23.16
N LEU A 253 26.01 2.58 -22.05
CA LEU A 253 25.11 2.44 -20.92
C LEU A 253 24.72 3.81 -20.35
N LEU A 254 23.41 4.08 -20.28
CA LEU A 254 22.93 5.28 -19.61
C LEU A 254 22.58 5.01 -18.15
N ARG A 255 21.96 3.86 -17.89
CA ARG A 255 21.82 3.39 -16.53
C ARG A 255 21.34 1.95 -16.51
N GLY A 256 21.63 1.29 -15.39
CA GLY A 256 21.18 -0.08 -15.20
C GLY A 256 20.13 -0.16 -14.11
N HIS A 257 19.37 -1.26 -14.11
CA HIS A 257 18.25 -1.44 -13.19
C HIS A 257 18.20 -2.87 -12.68
N ASN A 258 17.86 -3.03 -11.40
CA ASN A 258 17.51 -4.35 -10.88
C ASN A 258 16.71 -4.12 -9.61
N GLN A 259 15.42 -4.50 -9.62
CA GLN A 259 14.56 -4.22 -8.48
C GLN A 259 13.67 -5.43 -8.23
N PHE A 260 13.24 -5.57 -6.97
CA PHE A 260 12.44 -6.71 -6.52
C PHE A 260 11.28 -6.17 -5.69
N ALA A 261 10.14 -6.87 -5.78
CA ALA A 261 8.94 -6.50 -5.03
C ALA A 261 8.29 -7.75 -4.46
N TYR A 262 7.81 -7.63 -3.23
CA TYR A 262 7.07 -8.72 -2.58
C TYR A 262 5.65 -8.23 -2.34
N ASP A 263 4.68 -9.03 -2.79
CA ASP A 263 3.26 -8.74 -2.61
C ASP A 263 2.94 -7.30 -3.07
N GLY A 264 3.53 -6.91 -4.18
CA GLY A 264 3.15 -5.68 -4.85
C GLY A 264 3.86 -4.42 -4.37
N LYS A 265 4.80 -4.55 -3.44
CA LYS A 265 5.49 -3.44 -2.81
C LYS A 265 6.99 -3.58 -3.02
N ASP A 266 7.68 -2.45 -3.18
CA ASP A 266 9.14 -2.49 -3.23
C ASP A 266 9.69 -3.32 -2.07
N TYR A 267 10.68 -4.16 -2.37
CA TYR A 267 11.39 -4.92 -1.34
C TYR A 267 12.86 -4.51 -1.29
N ILE A 268 13.60 -4.64 -2.39
CA ILE A 268 14.98 -4.19 -2.42
C ILE A 268 15.28 -3.77 -3.86
N ALA A 269 16.13 -2.77 -4.01
CA ALA A 269 16.47 -2.27 -5.34
C ALA A 269 17.95 -1.95 -5.41
N LEU A 270 18.55 -2.27 -6.55
CA LEU A 270 19.93 -1.85 -6.81
C LEU A 270 19.93 -0.36 -7.12
N ASN A 271 20.83 0.37 -6.46
CA ASN A 271 20.88 1.82 -6.66
C ASN A 271 21.55 2.13 -7.99
N GLU A 272 21.43 3.40 -8.40
CA GLU A 272 21.94 3.80 -9.72
C GLU A 272 23.45 3.60 -9.82
N ASP A 273 24.17 3.66 -8.70
CA ASP A 273 25.60 3.44 -8.78
C ASP A 273 25.97 1.98 -9.00
N LEU A 274 24.97 1.07 -9.00
CA LEU A 274 25.19 -0.35 -9.25
C LEU A 274 26.20 -0.93 -8.26
N SER A 275 26.25 -0.34 -7.07
CA SER A 275 27.22 -0.71 -6.03
C SER A 275 26.60 -0.74 -4.64
N SER A 276 25.30 -0.50 -4.53
CA SER A 276 24.65 -0.36 -3.23
C SER A 276 23.17 -0.66 -3.42
N TRP A 277 22.51 -0.96 -2.32
CA TRP A 277 21.11 -1.38 -2.31
C TRP A 277 20.26 -0.43 -1.48
N THR A 278 18.99 -0.30 -1.85
CA THR A 278 17.99 0.34 -1.00
C THR A 278 16.97 -0.70 -0.58
N ALA A 279 16.87 -0.92 0.73
CA ALA A 279 15.99 -1.94 1.31
C ALA A 279 14.79 -1.28 1.95
N ALA A 280 13.60 -1.89 1.75
CA ALA A 280 12.35 -1.26 2.17
C ALA A 280 12.05 -1.42 3.65
N ASP A 281 12.51 -2.50 4.28
CA ASP A 281 12.21 -2.72 5.69
C ASP A 281 13.27 -3.63 6.31
N THR A 282 13.02 -4.06 7.56
CA THR A 282 14.04 -4.81 8.28
C THR A 282 14.27 -6.19 7.65
N ALA A 283 13.21 -6.84 7.14
CA ALA A 283 13.41 -8.10 6.43
C ALA A 283 14.30 -7.91 5.21
N ALA A 284 14.05 -6.86 4.43
CA ALA A 284 14.86 -6.65 3.24
C ALA A 284 16.30 -6.29 3.58
N GLN A 285 16.51 -5.69 4.75
CA GLN A 285 17.87 -5.38 5.18
C GLN A 285 18.69 -6.64 5.43
N ILE A 286 18.05 -7.72 5.87
CA ILE A 286 18.75 -8.99 6.01
C ILE A 286 19.20 -9.51 4.65
N THR A 287 18.33 -9.38 3.64
CA THR A 287 18.73 -9.71 2.28
C THR A 287 19.86 -8.79 1.82
N GLN A 288 19.77 -7.51 2.15
CA GLN A 288 20.83 -6.58 1.75
C GLN A 288 22.18 -7.03 2.28
N ARG A 289 22.25 -7.42 3.56
CA ARG A 289 23.53 -7.84 4.12
C ARG A 289 24.03 -9.13 3.50
N LYS A 290 23.13 -10.07 3.21
CA LYS A 290 23.52 -11.30 2.52
C LYS A 290 24.09 -11.00 1.13
N TRP A 291 23.41 -10.14 0.38
CA TRP A 291 23.85 -9.88 -0.99
C TRP A 291 25.13 -9.04 -1.01
N GLU A 292 25.31 -8.20 0.00
CA GLU A 292 26.57 -7.46 0.12
C GLU A 292 27.72 -8.44 0.34
N ALA A 293 27.57 -9.37 1.28
CA ALA A 293 28.63 -10.34 1.54
C ALA A 293 28.88 -11.24 0.35
N ALA A 294 27.84 -11.53 -0.44
CA ALA A 294 27.96 -12.37 -1.63
C ALA A 294 28.39 -11.60 -2.86
N ARG A 295 28.62 -10.29 -2.73
CA ARG A 295 29.03 -9.43 -3.85
C ARG A 295 28.05 -9.51 -5.01
N VAL A 296 26.75 -9.52 -4.69
CA VAL A 296 25.74 -9.62 -5.75
C VAL A 296 25.76 -8.39 -6.64
N ALA A 297 25.89 -7.20 -6.05
CA ALA A 297 25.86 -5.98 -6.87
C ALA A 297 26.99 -5.98 -7.89
N GLU A 298 28.17 -6.45 -7.49
CA GLU A 298 29.30 -6.50 -8.42
C GLU A 298 29.00 -7.42 -9.60
N GLN A 299 28.33 -8.54 -9.36
CA GLN A 299 27.95 -9.43 -10.46
C GLN A 299 26.90 -8.78 -11.35
N LEU A 300 25.91 -8.12 -10.76
CA LEU A 300 24.90 -7.46 -11.58
CA LEU A 300 24.89 -7.45 -11.56
C LEU A 300 25.49 -6.30 -12.37
N ARG A 301 26.40 -5.54 -11.75
CA ARG A 301 27.05 -4.44 -12.47
C ARG A 301 27.80 -4.99 -13.67
N THR A 302 28.50 -6.11 -13.49
CA THR A 302 29.25 -6.70 -14.59
C THR A 302 28.32 -7.07 -15.73
N TYR A 303 27.19 -7.69 -15.39
CA TYR A 303 26.18 -8.02 -16.40
C TYR A 303 25.62 -6.75 -17.05
N LEU A 304 25.23 -5.77 -16.24
CA LEU A 304 24.56 -4.60 -16.80
C LEU A 304 25.48 -3.79 -17.70
N GLU A 305 26.76 -3.68 -17.34
CA GLU A 305 27.72 -2.92 -18.15
C GLU A 305 28.25 -3.68 -19.35
N GLY A 306 28.19 -5.01 -19.31
CA GLY A 306 28.73 -5.82 -20.39
C GLY A 306 27.63 -6.53 -21.16
N THR A 307 27.29 -7.73 -20.70
CA THR A 307 26.34 -8.57 -21.44
C THR A 307 25.06 -7.82 -21.82
N CYS A 308 24.48 -7.07 -20.89
CA CYS A 308 23.19 -6.45 -21.15
C CYS A 308 23.29 -5.48 -22.33
N VAL A 309 24.27 -4.58 -22.27
CA VAL A 309 24.43 -3.57 -23.31
CA VAL A 309 24.39 -3.58 -23.32
C VAL A 309 24.83 -4.23 -24.63
N GLU A 310 25.68 -5.25 -24.56
CA GLU A 310 26.18 -5.87 -25.80
C GLU A 310 25.08 -6.60 -26.52
N TRP A 311 24.24 -7.33 -25.80
CA TRP A 311 23.13 -8.02 -26.45
C TRP A 311 22.07 -7.04 -26.91
N LEU A 312 21.80 -5.99 -26.13
CA LEU A 312 20.84 -4.98 -26.62
C LEU A 312 21.32 -4.37 -27.93
N ARG A 313 22.60 -4.05 -28.04
CA ARG A 313 23.15 -3.53 -29.29
C ARG A 313 22.94 -4.52 -30.44
N ARG A 314 23.17 -5.80 -30.18
CA ARG A 314 22.94 -6.83 -31.20
C ARG A 314 21.48 -6.87 -31.63
N TYR A 315 20.56 -6.89 -30.66
CA TYR A 315 19.14 -6.95 -31.00
C TYR A 315 18.71 -5.74 -31.82
N LEU A 316 19.19 -4.55 -31.44
CA LEU A 316 18.84 -3.35 -32.18
C LEU A 316 19.32 -3.41 -33.62
N GLU A 317 20.46 -4.05 -33.86
CA GLU A 317 20.93 -4.16 -35.24
C GLU A 317 20.14 -5.22 -36.01
N ASN A 318 19.92 -6.38 -35.39
CA ASN A 318 19.21 -7.46 -36.08
C ASN A 318 17.75 -7.12 -36.31
N GLY A 319 17.15 -6.32 -35.44
CA GLY A 319 15.78 -5.91 -35.64
C GLY A 319 15.63 -4.45 -36.03
N LYS A 320 16.64 -3.88 -36.71
CA LYS A 320 16.67 -2.43 -36.87
C LYS A 320 15.49 -1.91 -37.68
N GLU A 321 14.99 -2.67 -38.65
CA GLU A 321 13.92 -2.14 -39.48
C GLU A 321 12.64 -1.91 -38.72
N THR A 322 12.44 -2.57 -37.58
CA THR A 322 11.31 -2.30 -36.71
C THR A 322 11.69 -1.63 -35.39
N LEU A 323 12.80 -2.06 -34.78
CA LEU A 323 13.15 -1.55 -33.45
C LEU A 323 13.69 -0.12 -33.49
N GLN A 324 14.35 0.27 -34.58
CA GLN A 324 14.90 1.61 -34.67
C GLN A 324 14.05 2.52 -35.56
N ARG A 325 12.79 2.16 -35.77
CA ARG A 325 11.82 2.98 -36.48
C ARG A 325 10.78 3.46 -35.48
N ALA A 326 10.56 4.76 -35.42
CA ALA A 326 9.51 5.31 -34.58
C ALA A 326 8.31 5.64 -35.46
N ASP A 327 7.13 5.20 -35.04
CA ASP A 327 5.90 5.49 -35.76
C ASP A 327 5.18 6.64 -35.07
N PRO A 328 5.00 7.78 -35.72
CA PRO A 328 4.36 8.92 -35.05
C PRO A 328 2.87 8.69 -34.91
N PRO A 329 2.23 9.36 -33.96
CA PRO A 329 0.80 9.17 -33.75
C PRO A 329 -0.01 9.85 -34.83
N LYS A 330 -1.09 9.18 -35.22
CA LYS A 330 -2.13 9.82 -36.02
C LYS A 330 -3.14 10.40 -35.04
N THR A 331 -3.44 11.69 -35.17
CA THR A 331 -4.14 12.41 -34.12
C THR A 331 -5.41 13.06 -34.65
N HIS A 332 -6.40 13.19 -33.77
CA HIS A 332 -7.59 13.97 -34.09
C HIS A 332 -8.31 14.32 -32.80
N VAL A 333 -9.20 15.30 -32.89
CA VAL A 333 -9.97 15.78 -31.74
C VAL A 333 -11.45 15.57 -32.03
N THR A 334 -12.17 15.10 -31.02
CA THR A 334 -13.62 14.97 -31.09
C THR A 334 -14.28 15.91 -30.09
N HIS A 335 -15.56 16.19 -30.34
CA HIS A 335 -16.32 17.15 -29.56
C HIS A 335 -17.70 16.57 -29.25
N HIS A 336 -18.05 16.54 -27.96
CA HIS A 336 -19.32 15.98 -27.52
C HIS A 336 -19.98 16.92 -26.53
N PRO A 337 -21.07 17.60 -26.91
CA PRO A 337 -21.83 18.36 -25.91
C PRO A 337 -22.37 17.42 -24.83
N ILE A 338 -22.20 17.84 -23.57
CA ILE A 338 -22.76 17.11 -22.45
C ILE A 338 -23.92 17.85 -21.80
N SER A 339 -24.21 19.06 -22.24
CA SER A 339 -25.33 19.85 -21.73
C SER A 339 -25.51 21.04 -22.67
N ASP A 340 -26.34 22.00 -22.26
CA ASP A 340 -26.50 23.24 -23.00
C ASP A 340 -25.34 24.21 -22.78
N HIS A 341 -24.44 23.92 -21.84
CA HIS A 341 -23.39 24.86 -21.49
C HIS A 341 -22.00 24.25 -21.38
N GLU A 342 -21.83 22.96 -21.66
CA GLU A 342 -20.51 22.33 -21.60
C GLU A 342 -20.40 21.25 -22.67
N ALA A 343 -19.16 20.99 -23.09
CA ALA A 343 -18.87 19.94 -24.05
C ALA A 343 -17.54 19.28 -23.70
N THR A 344 -17.39 18.03 -24.15
CA THR A 344 -16.17 17.26 -23.96
C THR A 344 -15.29 17.36 -25.19
N LEU A 345 -14.03 17.73 -25.00
CA LEU A 345 -13.04 17.68 -26.07
C LEU A 345 -12.12 16.49 -25.78
N ARG A 346 -12.01 15.58 -26.75
CA ARG A 346 -11.16 14.41 -26.59
C ARG A 346 -10.10 14.40 -27.68
N CYS A 347 -8.85 14.24 -27.26
CA CYS A 347 -7.70 14.23 -28.16
C CYS A 347 -7.20 12.80 -28.29
N TRP A 348 -7.20 12.28 -29.51
CA TRP A 348 -6.83 10.90 -29.79
C TRP A 348 -5.45 10.83 -30.43
N ALA A 349 -4.65 9.86 -30.00
CA ALA A 349 -3.40 9.48 -30.64
C ALA A 349 -3.46 7.99 -30.93
N LEU A 350 -3.20 7.62 -32.18
CA LEU A 350 -3.33 6.23 -32.62
C LEU A 350 -2.12 5.81 -33.43
N GLY A 351 -1.81 4.51 -33.36
CA GLY A 351 -0.82 3.93 -34.25
C GLY A 351 0.61 4.34 -34.01
N PHE A 352 0.96 4.69 -32.77
CA PHE A 352 2.31 5.17 -32.48
C PHE A 352 3.17 4.10 -31.81
N TYR A 353 4.48 4.22 -32.04
CA TYR A 353 5.47 3.35 -31.44
C TYR A 353 6.73 4.19 -31.31
N PRO A 354 7.42 4.17 -30.15
CA PRO A 354 7.16 3.38 -28.95
C PRO A 354 5.99 3.93 -28.16
N ALA A 355 5.71 3.35 -26.98
CA ALA A 355 4.49 3.67 -26.26
C ALA A 355 4.56 5.00 -25.54
N GLU A 356 5.75 5.50 -25.22
CA GLU A 356 5.86 6.75 -24.48
C GLU A 356 5.27 7.90 -25.28
N ILE A 357 4.34 8.63 -24.66
CA ILE A 357 3.69 9.75 -25.31
C ILE A 357 3.18 10.69 -24.23
N THR A 358 3.06 11.98 -24.57
CA THR A 358 2.45 12.96 -23.68
C THR A 358 1.34 13.67 -24.43
N LEU A 359 0.12 13.58 -23.90
CA LEU A 359 -1.02 14.35 -24.39
C LEU A 359 -1.41 15.36 -23.31
N THR A 360 -1.44 16.65 -23.68
CA THR A 360 -1.81 17.71 -22.75
C THR A 360 -2.88 18.58 -23.40
N TRP A 361 -3.90 18.95 -22.64
CA TRP A 361 -4.85 19.96 -23.06
C TRP A 361 -4.45 21.30 -22.47
N GLN A 362 -4.48 22.34 -23.30
CA GLN A 362 -4.13 23.69 -22.90
C GLN A 362 -5.31 24.62 -23.15
N ARG A 363 -5.48 25.60 -22.27
CA ARG A 363 -6.38 26.73 -22.49
C ARG A 363 -5.53 27.98 -22.60
N ASP A 364 -5.64 28.69 -23.73
CA ASP A 364 -4.76 29.82 -24.02
C ASP A 364 -3.30 29.45 -23.79
N GLY A 365 -2.93 28.23 -24.16
CA GLY A 365 -1.57 27.76 -24.03
C GLY A 365 -1.12 27.32 -22.64
N GLU A 366 -2.00 27.34 -21.64
CA GLU A 366 -1.63 26.93 -20.29
C GLU A 366 -2.19 25.55 -20.00
N ASP A 367 -1.34 24.67 -19.47
CA ASP A 367 -1.73 23.27 -19.26
C ASP A 367 -2.92 23.18 -18.31
N GLN A 368 -3.89 22.35 -18.68
CA GLN A 368 -5.06 22.07 -17.84
C GLN A 368 -4.93 20.70 -17.19
N THR A 369 -3.84 20.53 -16.44
CA THR A 369 -3.51 19.21 -15.90
C THR A 369 -4.61 18.69 -14.99
N GLN A 370 -5.15 19.56 -14.13
CA GLN A 370 -6.13 19.17 -13.13
C GLN A 370 -7.42 18.67 -13.77
N ASP A 371 -7.79 19.24 -14.91
CA ASP A 371 -9.09 19.00 -15.53
C ASP A 371 -9.03 17.98 -16.66
N THR A 372 -7.86 17.41 -16.94
CA THR A 372 -7.70 16.51 -18.07
C THR A 372 -7.83 15.06 -17.61
N GLU A 373 -8.76 14.33 -18.22
CA GLU A 373 -8.89 12.90 -18.01
C GLU A 373 -8.01 12.15 -19.02
N LEU A 374 -7.16 11.27 -18.51
CA LEU A 374 -6.27 10.44 -19.29
CA LEU A 374 -6.31 10.45 -19.36
C LEU A 374 -6.66 8.98 -19.16
N VAL A 375 -6.46 8.20 -20.21
CA VAL A 375 -6.56 6.75 -20.12
C VAL A 375 -5.15 6.20 -20.25
N GLU A 376 -4.94 5.03 -19.66
CA GLU A 376 -3.68 4.35 -19.81
C GLU A 376 -3.39 4.04 -21.27
N THR A 377 -2.16 4.28 -21.71
CA THR A 377 -1.73 3.90 -23.05
C THR A 377 -1.95 2.40 -23.27
N ARG A 378 -2.56 2.06 -24.40
CA ARG A 378 -3.02 0.69 -24.64
C ARG A 378 -2.46 0.15 -25.94
N PRO A 379 -2.22 -1.16 -26.00
CA PRO A 379 -1.68 -1.76 -27.22
C PRO A 379 -2.77 -2.03 -28.25
N ALA A 380 -2.48 -1.69 -29.50
CA ALA A 380 -3.39 -2.09 -30.56
C ALA A 380 -3.34 -3.59 -30.83
N GLY A 381 -2.21 -4.22 -30.50
CA GLY A 381 -1.99 -5.62 -30.75
C GLY A 381 -1.04 -5.88 -31.89
N ASP A 382 -0.73 -4.86 -32.69
CA ASP A 382 0.10 -4.97 -33.87
C ASP A 382 1.43 -4.24 -33.73
N ARG A 383 1.93 -4.10 -32.50
CA ARG A 383 3.13 -3.33 -32.13
C ARG A 383 2.80 -1.89 -31.73
N THR A 384 1.75 -1.29 -32.29
CA THR A 384 1.53 0.13 -32.01
C THR A 384 0.63 0.31 -30.78
N PHE A 385 0.50 1.58 -30.37
CA PHE A 385 -0.22 1.94 -29.16
C PHE A 385 -1.23 3.04 -29.44
N GLN A 386 -2.12 3.23 -28.48
CA GLN A 386 -3.22 4.19 -28.57
C GLN A 386 -3.39 4.89 -27.23
N LYS A 387 -3.89 6.14 -27.27
CA LYS A 387 -4.15 6.86 -26.04
C LYS A 387 -5.10 8.01 -26.34
N TRP A 388 -5.87 8.42 -25.34
CA TRP A 388 -6.63 9.65 -25.50
C TRP A 388 -6.62 10.47 -24.22
N ALA A 389 -6.97 11.75 -24.37
CA ALA A 389 -7.05 12.70 -23.28
C ALA A 389 -8.29 13.56 -23.50
N ALA A 390 -9.03 13.83 -22.43
CA ALA A 390 -10.26 14.59 -22.59
C ALA A 390 -10.36 15.71 -21.56
N VAL A 391 -11.05 16.78 -21.95
CA VAL A 391 -11.33 17.90 -21.07
C VAL A 391 -12.75 18.40 -21.31
N VAL A 392 -13.41 18.83 -20.24
CA VAL A 392 -14.74 19.42 -20.31
C VAL A 392 -14.58 20.94 -20.32
N VAL A 393 -15.16 21.58 -21.33
CA VAL A 393 -14.96 23.01 -21.53
C VAL A 393 -16.32 23.70 -21.60
N PRO A 394 -16.38 24.99 -21.31
CA PRO A 394 -17.64 25.73 -21.49
C PRO A 394 -18.02 25.82 -22.96
N SER A 395 -19.29 25.55 -23.25
CA SER A 395 -19.78 25.68 -24.61
C SER A 395 -19.56 27.11 -25.11
N GLY A 396 -18.92 27.23 -26.28
CA GLY A 396 -18.56 28.50 -26.85
C GLY A 396 -17.11 28.88 -26.65
N GLU A 397 -16.37 28.15 -25.82
CA GLU A 397 -14.96 28.45 -25.57
C GLU A 397 -14.04 27.36 -26.12
N GLU A 398 -14.56 26.49 -26.99
CA GLU A 398 -13.77 25.37 -27.52
C GLU A 398 -12.51 25.86 -28.23
N GLN A 399 -12.60 27.00 -28.92
CA GLN A 399 -11.48 27.45 -29.74
C GLN A 399 -10.30 27.97 -28.93
N ARG A 400 -10.47 28.13 -27.62
CA ARG A 400 -9.35 28.54 -26.76
C ARG A 400 -8.53 27.34 -26.28
N TYR A 401 -8.93 26.12 -26.64
CA TYR A 401 -8.27 24.92 -26.16
C TYR A 401 -7.46 24.28 -27.28
N THR A 402 -6.27 23.79 -26.94
CA THR A 402 -5.43 23.04 -27.87
C THR A 402 -4.92 21.78 -27.21
N CYS A 403 -4.85 20.71 -28.00
CA CYS A 403 -4.22 19.48 -27.55
C CYS A 403 -2.79 19.46 -28.03
N HIS A 404 -1.87 19.19 -27.11
CA HIS A 404 -0.46 19.15 -27.42
CA HIS A 404 -0.43 19.18 -27.33
C HIS A 404 0.04 17.73 -27.30
N VAL A 405 0.79 17.28 -28.32
CA VAL A 405 1.19 15.89 -28.45
C VAL A 405 2.71 15.83 -28.57
N GLN A 406 3.36 15.12 -27.66
CA GLN A 406 4.80 14.90 -27.68
C GLN A 406 5.06 13.41 -27.88
N HIS A 407 5.85 13.08 -28.91
CA HIS A 407 6.22 11.71 -29.20
C HIS A 407 7.55 11.72 -29.93
N GLU A 408 8.39 10.71 -29.68
CA GLU A 408 9.73 10.76 -30.27
C GLU A 408 9.71 10.58 -31.79
N GLY A 409 8.59 10.12 -32.36
CA GLY A 409 8.41 10.06 -33.79
C GLY A 409 8.06 11.38 -34.45
N LEU A 410 7.85 12.42 -33.65
CA LEU A 410 7.53 13.73 -34.18
C LEU A 410 8.77 14.61 -34.16
N PRO A 411 9.05 15.32 -35.26
CA PRO A 411 10.18 16.28 -35.24
C PRO A 411 10.00 17.39 -34.22
N LYS A 412 8.77 17.85 -34.04
CA LYS A 412 8.37 18.81 -33.02
C LYS A 412 6.99 18.41 -32.53
N PRO A 413 6.60 18.84 -31.33
CA PRO A 413 5.26 18.48 -30.83
C PRO A 413 4.17 18.98 -31.77
N LEU A 414 3.06 18.26 -31.79
CA LEU A 414 1.90 18.61 -32.57
C LEU A 414 0.90 19.38 -31.71
N THR A 415 0.18 20.30 -32.33
CA THR A 415 -0.91 21.02 -31.68
CA THR A 415 -0.91 21.00 -31.68
C THR A 415 -2.17 20.86 -32.52
N LEU A 416 -3.28 20.50 -31.87
CA LEU A 416 -4.55 20.30 -32.53
C LEU A 416 -5.61 21.18 -31.89
N ARG A 417 -6.51 21.72 -32.72
CA ARG A 417 -7.62 22.55 -32.22
C ARG A 417 -8.91 22.03 -32.89
N TRP A 418 -9.98 21.87 -32.12
CA TRP A 418 -11.26 21.41 -32.71
C TRP A 418 -11.83 22.44 -33.68
N GLU A 419 -12.33 21.96 -34.82
CA GLU A 419 -12.93 22.85 -35.84
C GLU A 419 -14.42 23.07 -35.56
N ASN B 1 -12.65 18.58 24.32
CA ASN B 1 -13.90 19.03 23.68
C ASN B 1 -13.73 19.13 22.17
N ARG B 2 -14.72 18.67 21.40
CA ARG B 2 -14.54 18.38 19.99
C ARG B 2 -14.77 19.61 19.11
N VAL B 3 -14.45 19.44 17.82
CA VAL B 3 -14.74 20.44 16.78
C VAL B 3 -15.49 19.75 15.66
N MET B 4 -16.37 20.50 14.98
CA MET B 4 -17.04 19.93 13.82
C MET B 4 -16.08 19.93 12.64
N LEU B 5 -16.06 18.81 11.91
CA LEU B 5 -15.07 18.59 10.85
C LEU B 5 -15.65 18.86 9.47
N PRO B 6 -14.81 19.21 8.51
CA PRO B 6 -15.26 19.45 7.14
C PRO B 6 -15.47 18.15 6.37
N LYS B 7 -16.12 18.28 5.22
CA LYS B 7 -16.48 17.16 4.35
C LYS B 7 -15.53 17.10 3.15
N ALA B 8 -15.04 15.91 2.82
CA ALA B 8 -14.23 15.75 1.61
C ALA B 8 -15.04 16.14 0.38
N ALA B 9 -14.37 16.71 -0.61
CA ALA B 9 -15.06 17.22 -1.79
C ALA B 9 -15.32 16.13 -2.82
N GLY B 10 -16.43 16.28 -3.54
CA GLY B 10 -16.70 15.42 -4.67
C GLY B 10 -15.95 15.86 -5.90
N CYS B 11 -15.66 14.90 -6.76
CA CYS B 11 -14.89 15.16 -7.98
C CYS B 11 -15.81 15.26 -9.20
N GLY B 23 -6.35 5.02 -5.30
CA GLY B 23 -6.81 3.82 -6.00
C GLY B 23 -6.38 2.55 -5.30
N SER B 24 -5.07 2.36 -5.17
CA SER B 24 -4.53 1.18 -4.50
C SER B 24 -5.04 1.09 -3.07
N MET B 25 -5.12 -0.15 -2.57
CA MET B 25 -5.54 -0.41 -1.21
C MET B 25 -4.48 -1.25 -0.52
N ILE B 26 -4.01 -0.77 0.62
CA ILE B 26 -3.00 -1.48 1.40
C ILE B 26 -3.73 -2.33 2.43
N GLN B 27 -3.35 -3.61 2.52
CA GLN B 27 -3.85 -4.51 3.55
C GLN B 27 -2.69 -4.82 4.48
N ARG B 28 -2.88 -4.61 5.77
CA ARG B 28 -1.83 -4.80 6.76
C ARG B 28 -2.25 -5.90 7.72
N THR B 29 -1.38 -6.89 7.88
CA THR B 29 -1.63 -8.04 8.74
C THR B 29 -1.50 -7.67 10.20
N PRO B 30 -2.40 -8.12 11.06
CA PRO B 30 -2.27 -7.79 12.48
C PRO B 30 -1.04 -8.45 13.08
N LYS B 31 -0.37 -7.69 13.95
CA LYS B 31 0.59 -8.24 14.87
C LYS B 31 -0.16 -8.63 16.13
N ILE B 32 0.19 -9.78 16.69
CA ILE B 32 -0.58 -10.37 17.78
C ILE B 32 0.36 -10.66 18.95
N GLN B 33 0.00 -10.14 20.12
CA GLN B 33 0.70 -10.45 21.37
C GLN B 33 -0.30 -10.95 22.40
N VAL B 34 0.09 -12.02 23.10
CA VAL B 34 -0.75 -12.64 24.13
C VAL B 34 0.03 -12.68 25.43
N TYR B 35 -0.53 -12.11 26.50
CA TYR B 35 0.23 -11.83 27.71
C TYR B 35 -0.74 -11.52 28.85
N SER B 36 -0.22 -11.60 30.08
CA SER B 36 -1.00 -11.25 31.26
C SER B 36 -0.74 -9.81 31.68
N ARG B 37 -1.70 -9.22 32.39
CA ARG B 37 -1.57 -7.84 32.84
C ARG B 37 -0.43 -7.71 33.86
N HIS B 38 -0.37 -8.61 34.82
CA HIS B 38 0.66 -8.66 35.83
C HIS B 38 1.44 -9.96 35.68
N PRO B 39 2.66 -10.05 36.21
CA PRO B 39 3.39 -11.32 36.18
C PRO B 39 2.53 -12.44 36.75
N ALA B 40 2.53 -13.57 36.04
CA ALA B 40 1.59 -14.64 36.33
C ALA B 40 2.04 -15.47 37.52
N GLU B 41 1.13 -15.65 38.48
CA GLU B 41 1.34 -16.51 39.63
C GLU B 41 0.10 -17.38 39.77
N ASN B 42 0.30 -18.70 39.76
CA ASN B 42 -0.82 -19.62 39.85
C ASN B 42 -1.67 -19.31 41.08
N GLY B 43 -2.99 -19.38 40.90
CA GLY B 43 -3.92 -19.14 41.98
C GLY B 43 -4.22 -17.68 42.28
N LYS B 44 -3.57 -16.73 41.61
CA LYS B 44 -3.79 -15.32 41.88
C LYS B 44 -4.54 -14.65 40.73
N SER B 45 -5.50 -13.81 41.09
CA SER B 45 -6.30 -13.09 40.10
C SER B 45 -5.43 -12.23 39.20
N ASN B 46 -5.78 -12.18 37.92
CA ASN B 46 -4.98 -11.51 36.90
C ASN B 46 -5.91 -11.19 35.73
N PHE B 47 -5.32 -10.67 34.66
CA PHE B 47 -6.04 -10.45 33.41
C PHE B 47 -5.24 -11.03 32.25
N LEU B 48 -5.94 -11.68 31.33
CA LEU B 48 -5.34 -12.23 30.12
C LEU B 48 -5.61 -11.27 28.96
N ASN B 49 -4.55 -10.89 28.24
CA ASN B 49 -4.62 -9.88 27.20
C ASN B 49 -4.28 -10.47 25.84
N CYS B 50 -5.02 -10.05 24.81
CA CYS B 50 -4.62 -10.27 23.43
C CYS B 50 -4.63 -8.92 22.74
N TYR B 51 -3.46 -8.43 22.38
CA TYR B 51 -3.30 -7.14 21.72
C TYR B 51 -3.05 -7.37 20.24
N VAL B 52 -3.92 -6.82 19.39
CA VAL B 52 -3.78 -6.92 17.95
C VAL B 52 -3.53 -5.51 17.44
N SER B 53 -2.48 -5.33 16.65
CA SER B 53 -2.09 -3.99 16.28
C SER B 53 -1.58 -4.00 14.86
N GLY B 54 -1.48 -2.81 14.29
CA GLY B 54 -0.85 -2.70 12.99
C GLY B 54 -1.67 -3.20 11.82
N PHE B 55 -2.98 -3.38 11.99
CA PHE B 55 -3.76 -3.99 10.92
C PHE B 55 -4.61 -2.96 10.16
N HIS B 56 -4.97 -3.34 8.92
CA HIS B 56 -5.89 -2.58 8.08
C HIS B 56 -6.40 -3.54 7.02
N PRO B 57 -7.71 -3.56 6.73
CA PRO B 57 -8.80 -2.75 7.31
C PRO B 57 -9.17 -3.12 8.74
N SER B 58 -10.19 -2.48 9.31
CA SER B 58 -10.47 -2.60 10.74
C SER B 58 -11.29 -3.83 11.09
N ASP B 59 -11.99 -4.41 10.12
CA ASP B 59 -12.79 -5.61 10.38
C ASP B 59 -11.87 -6.73 10.88
N ILE B 60 -12.13 -7.20 12.10
CA ILE B 60 -11.29 -8.23 12.70
C ILE B 60 -12.14 -9.02 13.69
N GLU B 61 -11.81 -10.30 13.87
CA GLU B 61 -12.45 -11.14 14.89
C GLU B 61 -11.36 -11.69 15.79
N VAL B 62 -11.53 -11.56 17.10
CA VAL B 62 -10.54 -11.98 18.08
C VAL B 62 -11.25 -12.77 19.16
N ASP B 63 -10.75 -13.96 19.44
CA ASP B 63 -11.25 -14.78 20.54
C ASP B 63 -10.09 -15.18 21.45
N LEU B 64 -10.36 -15.18 22.74
CA LEU B 64 -9.45 -15.78 23.72
C LEU B 64 -9.88 -17.22 23.92
N LEU B 65 -8.90 -18.12 23.95
CA LEU B 65 -9.17 -19.54 24.08
C LEU B 65 -8.60 -20.07 25.39
N LYS B 66 -9.40 -20.87 26.07
CA LYS B 66 -8.93 -21.63 27.23
C LYS B 66 -8.98 -23.10 26.88
N ASN B 67 -7.81 -23.74 26.82
CA ASN B 67 -7.70 -25.15 26.45
C ASN B 67 -8.39 -25.42 25.12
N GLY B 68 -8.22 -24.51 24.17
CA GLY B 68 -8.80 -24.64 22.85
C GLY B 68 -10.22 -24.16 22.71
N GLU B 69 -10.90 -23.82 23.81
CA GLU B 69 -12.30 -23.43 23.81
C GLU B 69 -12.45 -21.92 23.95
N ARG B 70 -13.37 -21.34 23.17
CA ARG B 70 -13.61 -19.90 23.23
C ARG B 70 -14.07 -19.46 24.60
N ILE B 71 -13.45 -18.40 25.13
CA ILE B 71 -13.88 -17.81 26.39
C ILE B 71 -15.02 -16.83 26.11
N GLU B 72 -16.09 -16.92 26.89
CA GLU B 72 -17.20 -15.99 26.75
C GLU B 72 -16.95 -14.75 27.60
N LYS B 73 -17.68 -13.67 27.28
CA LYS B 73 -17.62 -12.44 28.06
C LYS B 73 -16.20 -11.86 28.06
N VAL B 74 -15.58 -11.88 26.93
CA VAL B 74 -14.33 -11.17 26.70
C VAL B 74 -14.68 -9.73 26.32
N GLU B 75 -13.96 -8.77 26.90
CA GLU B 75 -14.17 -7.37 26.59
C GLU B 75 -13.06 -6.86 25.69
N HIS B 76 -13.31 -5.72 25.05
CA HIS B 76 -12.27 -5.17 24.18
C HIS B 76 -12.31 -3.66 24.21
N SER B 77 -11.17 -3.06 23.89
CA SER B 77 -11.04 -1.61 23.86
C SER B 77 -11.77 -1.02 22.66
N ASP B 78 -12.00 0.29 22.70
CA ASP B 78 -12.63 0.96 21.58
C ASP B 78 -11.61 1.14 20.46
N LEU B 79 -12.06 0.91 19.23
CA LEU B 79 -11.18 0.98 18.06
C LEU B 79 -10.47 2.32 17.98
N SER B 80 -9.15 2.25 17.84
CA SER B 80 -8.30 3.41 17.67
C SER B 80 -7.19 3.05 16.70
N PHE B 81 -6.33 4.02 16.42
CA PHE B 81 -5.27 3.75 15.44
C PHE B 81 -4.02 4.55 15.76
N SER B 82 -2.93 4.13 15.14
CA SER B 82 -1.60 4.68 15.36
C SER B 82 -1.29 5.75 14.31
N LYS B 83 -0.10 6.35 14.43
CA LYS B 83 0.22 7.45 13.52
C LYS B 83 0.23 7.01 12.05
N ASP B 84 0.54 5.74 11.76
CA ASP B 84 0.54 5.25 10.39
C ASP B 84 -0.85 4.81 9.90
N TRP B 85 -1.89 5.11 10.68
CA TRP B 85 -3.30 4.87 10.41
C TRP B 85 -3.70 3.43 10.69
N SER B 86 -2.78 2.55 11.06
CA SER B 86 -3.15 1.17 11.33
C SER B 86 -3.85 1.05 12.68
N PHE B 87 -4.74 0.08 12.78
CA PHE B 87 -5.63 -0.07 13.91
C PHE B 87 -5.02 -0.91 15.02
N TYR B 88 -5.54 -0.70 16.22
CA TYR B 88 -5.19 -1.58 17.34
C TYR B 88 -6.39 -1.78 18.25
N LEU B 89 -6.40 -2.95 18.87
CA LEU B 89 -7.44 -3.33 19.83
C LEU B 89 -6.82 -4.21 20.89
N LEU B 90 -7.29 -4.05 22.13
CA LEU B 90 -6.95 -4.93 23.23
C LEU B 90 -8.19 -5.74 23.60
N TYR B 91 -8.07 -7.06 23.55
CA TYR B 91 -9.10 -7.96 24.05
C TYR B 91 -8.63 -8.55 25.35
N TYR B 92 -9.51 -8.64 26.34
CA TYR B 92 -9.03 -9.03 27.66
C TYR B 92 -10.12 -9.69 28.48
N THR B 93 -9.69 -10.49 29.44
CA THR B 93 -10.62 -11.11 30.39
C THR B 93 -9.91 -11.36 31.72
N GLU B 94 -10.66 -11.20 32.80
CA GLU B 94 -10.16 -11.55 34.12
C GLU B 94 -9.99 -13.07 34.20
N PHE B 95 -8.87 -13.52 34.74
CA PHE B 95 -8.67 -14.96 34.89
C PHE B 95 -7.71 -15.23 36.04
N THR B 96 -7.67 -16.50 36.44
CA THR B 96 -6.73 -16.98 37.45
C THR B 96 -5.92 -18.10 36.83
N PRO B 97 -4.68 -17.85 36.45
CA PRO B 97 -3.87 -18.91 35.81
C PRO B 97 -3.62 -20.08 36.75
N THR B 98 -3.49 -21.26 36.15
CA THR B 98 -3.00 -22.46 36.79
C THR B 98 -1.83 -22.99 35.98
N GLU B 99 -1.18 -24.06 36.49
CA GLU B 99 -0.01 -24.59 35.80
C GLU B 99 -0.38 -25.36 34.55
N LYS B 100 -1.54 -26.02 34.54
CA LYS B 100 -1.90 -26.93 33.46
C LYS B 100 -2.77 -26.28 32.39
N ASP B 101 -3.41 -25.15 32.69
CA ASP B 101 -4.30 -24.51 31.73
C ASP B 101 -3.50 -23.80 30.65
N GLU B 102 -3.86 -24.04 29.39
CA GLU B 102 -3.26 -23.39 28.24
C GLU B 102 -4.21 -22.33 27.69
N TYR B 103 -3.66 -21.18 27.38
CA TYR B 103 -4.45 -20.08 26.84
C TYR B 103 -3.88 -19.68 25.49
N ALA B 104 -4.71 -19.06 24.68
CA ALA B 104 -4.28 -18.62 23.36
C ALA B 104 -5.23 -17.52 22.91
N CYS B 105 -4.83 -16.86 21.83
CA CYS B 105 -5.66 -15.89 21.13
C CYS B 105 -5.82 -16.36 19.69
N ARG B 106 -7.05 -16.28 19.17
CA ARG B 106 -7.35 -16.69 17.79
C ARG B 106 -7.85 -15.48 17.02
N VAL B 107 -7.19 -15.15 15.91
CA VAL B 107 -7.46 -13.91 15.18
C VAL B 107 -7.84 -14.24 13.75
N ASN B 108 -8.87 -13.57 13.24
CA ASN B 108 -9.25 -13.68 11.84
C ASN B 108 -9.34 -12.30 11.22
N HIS B 109 -8.87 -12.20 9.99
CA HIS B 109 -8.70 -10.92 9.31
C HIS B 109 -8.54 -11.24 7.83
N VAL B 110 -8.88 -10.27 6.98
CA VAL B 110 -8.83 -10.55 5.54
C VAL B 110 -7.42 -10.88 5.07
N THR B 111 -6.38 -10.47 5.81
CA THR B 111 -5.00 -10.78 5.46
C THR B 111 -4.60 -12.20 5.82
N LEU B 112 -5.40 -12.91 6.59
CA LEU B 112 -5.02 -14.23 7.10
C LEU B 112 -5.73 -15.30 6.27
N SER B 113 -4.94 -16.22 5.70
CA SER B 113 -5.54 -17.29 4.90
C SER B 113 -6.32 -18.27 5.76
N GLN B 114 -6.00 -18.36 7.04
CA GLN B 114 -6.70 -19.17 8.03
C GLN B 114 -6.64 -18.41 9.34
N PRO B 115 -7.60 -18.61 10.23
CA PRO B 115 -7.49 -17.97 11.56
C PRO B 115 -6.17 -18.37 12.21
N LYS B 116 -5.52 -17.38 12.81
CA LYS B 116 -4.20 -17.55 13.40
C LYS B 116 -4.34 -17.69 14.91
N ILE B 117 -3.78 -18.76 15.46
CA ILE B 117 -3.80 -19.01 16.89
C ILE B 117 -2.41 -18.74 17.46
N VAL B 118 -2.35 -17.88 18.47
CA VAL B 118 -1.10 -17.55 19.16
C VAL B 118 -1.24 -17.97 20.62
N LYS B 119 -0.34 -18.81 21.09
CA LYS B 119 -0.41 -19.33 22.45
C LYS B 119 0.17 -18.32 23.45
N TRP B 120 -0.37 -18.37 24.67
CA TRP B 120 0.19 -17.59 25.77
C TRP B 120 1.41 -18.32 26.32
N ASP B 121 2.57 -17.69 26.20
CA ASP B 121 3.85 -18.30 26.57
C ASP B 121 4.30 -17.67 27.88
N ARG B 122 4.30 -18.46 28.95
CA ARG B 122 4.60 -17.96 30.30
C ARG B 122 5.96 -17.24 30.36
N GLY B 145 6.51 16.89 31.44
CA GLY B 145 5.88 18.20 31.50
C GLY B 145 4.92 18.50 30.36
N SER B 146 5.18 17.95 29.17
CA SER B 146 4.36 18.25 28.00
C SER B 146 3.23 17.24 27.85
N HIS B 147 2.17 17.66 27.16
CA HIS B 147 0.94 16.87 27.09
C HIS B 147 0.26 17.07 25.74
N SER B 148 -0.63 16.14 25.42
CA SER B 148 -1.37 16.21 24.17
C SER B 148 -2.82 15.82 24.37
N MET B 149 -3.69 16.32 23.50
CA MET B 149 -5.05 15.82 23.38
C MET B 149 -5.25 15.39 21.94
N ARG B 150 -5.95 14.28 21.74
CA ARG B 150 -6.19 13.77 20.40
C ARG B 150 -7.61 13.23 20.34
N TYR B 151 -8.26 13.46 19.22
CA TYR B 151 -9.48 12.73 18.89
C TYR B 151 -9.20 11.94 17.63
N PHE B 152 -9.64 10.69 17.62
CA PHE B 152 -9.48 9.76 16.51
C PHE B 152 -10.86 9.36 16.02
N TYR B 153 -11.05 9.37 14.72
CA TYR B 153 -12.32 9.02 14.11
C TYR B 153 -12.11 7.96 13.04
N THR B 154 -12.95 6.93 13.04
CA THR B 154 -12.94 5.90 12.00
C THR B 154 -14.35 5.68 11.49
N SER B 155 -14.57 5.89 10.19
CA SER B 155 -15.84 5.56 9.55
C SER B 155 -15.56 4.52 8.48
N VAL B 156 -16.37 3.46 8.47
CA VAL B 156 -16.18 2.34 7.56
C VAL B 156 -17.50 2.03 6.87
N SER B 157 -17.52 2.13 5.54
CA SER B 157 -18.77 1.81 4.86
C SER B 157 -19.00 0.30 4.87
N ARG B 158 -20.26 -0.09 4.86
CA ARG B 158 -20.63 -1.50 4.79
C ARG B 158 -21.72 -1.65 3.75
N PRO B 159 -21.34 -1.64 2.49
CA PRO B 159 -22.32 -1.71 1.41
C PRO B 159 -23.24 -2.91 1.59
N GLY B 160 -24.53 -2.67 1.42
CA GLY B 160 -25.53 -3.69 1.53
C GLY B 160 -25.89 -4.07 2.96
N ARG B 161 -25.28 -3.45 3.95
CA ARG B 161 -25.49 -3.79 5.35
C ARG B 161 -25.75 -2.56 6.20
N GLY B 162 -26.39 -1.55 5.62
CA GLY B 162 -26.75 -0.35 6.32
C GLY B 162 -25.72 0.76 6.16
N GLU B 163 -25.78 1.69 7.11
CA GLU B 163 -24.96 2.88 7.12
C GLU B 163 -23.56 2.59 7.63
N PRO B 164 -22.59 3.44 7.31
CA PRO B 164 -21.24 3.20 7.80
C PRO B 164 -21.18 3.13 9.31
N ARG B 165 -20.23 2.33 9.80
CA ARG B 165 -19.92 2.29 11.22
C ARG B 165 -18.98 3.44 11.56
N PHE B 166 -19.32 4.24 12.57
CA PHE B 166 -18.55 5.41 13.00
C PHE B 166 -18.15 5.19 14.45
N ILE B 167 -16.84 5.21 14.73
CA ILE B 167 -16.31 5.06 16.08
C ILE B 167 -15.29 6.16 16.29
N SER B 168 -15.43 6.91 17.39
CA SER B 168 -14.48 7.97 17.72
C SER B 168 -14.07 7.86 19.18
N VAL B 169 -12.80 8.13 19.46
CA VAL B 169 -12.28 8.10 20.82
C VAL B 169 -11.49 9.38 21.06
N GLY B 170 -11.45 9.80 22.31
CA GLY B 170 -10.66 10.96 22.72
C GLY B 170 -9.62 10.52 23.73
N TYR B 171 -8.41 11.09 23.63
CA TYR B 171 -7.30 10.78 24.51
C TYR B 171 -6.68 12.06 25.05
N VAL B 172 -6.28 12.04 26.32
CA VAL B 172 -5.28 12.98 26.84
C VAL B 172 -4.02 12.15 27.09
N ASP B 173 -2.93 12.52 26.42
CA ASP B 173 -1.73 11.67 26.39
C ASP B 173 -2.15 10.26 26.01
N ASP B 174 -1.85 9.25 26.83
CA ASP B 174 -2.20 7.88 26.51
C ASP B 174 -3.41 7.39 27.32
N THR B 175 -4.24 8.30 27.81
CA THR B 175 -5.41 7.98 28.62
C THR B 175 -6.68 8.29 27.83
N GLN B 176 -7.45 7.26 27.49
CA GLN B 176 -8.71 7.49 26.81
C GLN B 176 -9.72 8.09 27.78
N PHE B 177 -10.47 9.10 27.34
CA PHE B 177 -11.45 9.72 28.23
C PHE B 177 -12.87 9.80 27.68
N VAL B 178 -13.10 9.64 26.36
CA VAL B 178 -14.44 9.53 25.80
C VAL B 178 -14.46 8.52 24.66
N ARG B 179 -15.66 8.01 24.38
CA ARG B 179 -15.89 7.23 23.17
C ARG B 179 -17.27 7.55 22.63
N PHE B 180 -17.41 7.40 21.31
CA PHE B 180 -18.70 7.45 20.64
C PHE B 180 -18.75 6.30 19.63
N ASP B 181 -19.87 5.57 19.58
CA ASP B 181 -20.00 4.46 18.65
C ASP B 181 -21.38 4.52 18.03
N SER B 182 -21.44 4.71 16.71
CA SER B 182 -22.73 4.84 16.03
C SER B 182 -23.58 3.57 16.14
N ASP B 183 -23.01 2.45 16.54
CA ASP B 183 -23.78 1.21 16.65
C ASP B 183 -24.30 0.96 18.05
N ALA B 184 -23.99 1.83 19.02
CA ALA B 184 -24.59 1.75 20.34
C ALA B 184 -26.11 1.86 20.25
N ALA B 185 -26.80 1.31 21.24
CA ALA B 185 -28.25 1.39 21.27
C ALA B 185 -28.73 2.83 21.30
N SER B 186 -28.04 3.69 22.04
CA SER B 186 -28.32 5.13 22.06
C SER B 186 -26.97 5.82 21.91
N PRO B 187 -26.56 6.11 20.68
CA PRO B 187 -25.22 6.68 20.48
C PRO B 187 -25.09 8.01 21.19
N ARG B 188 -24.01 8.14 21.96
CA ARG B 188 -23.75 9.37 22.68
C ARG B 188 -22.26 9.39 23.01
N GLU B 189 -21.74 10.58 23.24
CA GLU B 189 -20.44 10.69 23.87
C GLU B 189 -20.51 10.09 25.26
N GLU B 190 -19.65 9.10 25.53
CA GLU B 190 -19.63 8.40 26.80
C GLU B 190 -18.32 8.63 27.55
N PRO B 191 -18.37 8.84 28.86
CA PRO B 191 -17.14 8.98 29.64
C PRO B 191 -16.36 7.68 29.71
N ARG B 192 -15.03 7.79 29.68
CA ARG B 192 -14.17 6.63 29.81
C ARG B 192 -13.04 6.85 30.80
N ALA B 193 -13.06 7.96 31.53
CA ALA B 193 -12.07 8.27 32.56
C ALA B 193 -12.80 8.95 33.71
N PRO B 194 -12.36 8.72 34.95
CA PRO B 194 -13.09 9.28 36.10
C PRO B 194 -13.16 10.80 36.10
N TRP B 195 -12.11 11.47 35.64
CA TRP B 195 -12.05 12.93 35.78
C TRP B 195 -12.90 13.67 34.75
N ILE B 196 -13.45 12.99 33.74
CA ILE B 196 -14.36 13.66 32.81
C ILE B 196 -15.81 13.58 33.27
N GLU B 197 -16.12 12.69 34.22
CA GLU B 197 -17.52 12.45 34.57
C GLU B 197 -18.18 13.68 35.15
N GLN B 198 -17.41 14.57 35.78
CA GLN B 198 -17.94 15.78 36.39
C GLN B 198 -18.45 16.80 35.38
N GLU B 199 -18.12 16.67 34.10
CA GLU B 199 -18.60 17.64 33.12
C GLU B 199 -20.13 17.61 33.09
N GLY B 200 -20.72 18.78 32.88
CA GLY B 200 -22.16 18.92 32.99
C GLY B 200 -22.88 18.44 31.75
N PRO B 201 -24.22 18.44 31.83
CA PRO B 201 -25.02 17.95 30.69
C PRO B 201 -24.79 18.72 29.40
N GLU B 202 -24.51 20.02 29.48
CA GLU B 202 -24.23 20.79 28.28
CA GLU B 202 -24.23 20.79 28.27
C GLU B 202 -23.01 20.24 27.54
N TYR B 203 -22.01 19.78 28.30
CA TYR B 203 -20.82 19.17 27.70
C TYR B 203 -21.18 17.89 26.94
N TRP B 204 -21.92 17.00 27.60
CA TRP B 204 -22.26 15.72 26.95
C TRP B 204 -23.21 15.94 25.79
N ASP B 205 -24.14 16.88 25.94
CA ASP B 205 -25.06 17.20 24.85
C ASP B 205 -24.30 17.72 23.64
N ARG B 206 -23.39 18.66 23.86
CA ARG B 206 -22.69 19.30 22.76
C ARG B 206 -21.80 18.31 22.03
N ASN B 207 -21.04 17.51 22.78
CA ASN B 207 -20.12 16.60 22.12
C ASN B 207 -20.84 15.42 21.48
N THR B 208 -22.00 15.03 22.02
CA THR B 208 -22.83 14.04 21.33
C THR B 208 -23.32 14.61 20.01
N GLN B 209 -23.77 15.86 20.01
CA GLN B 209 -24.23 16.48 18.76
C GLN B 209 -23.12 16.53 17.73
N ILE B 210 -21.92 16.96 18.15
CA ILE B 210 -20.80 17.03 17.21
C ILE B 210 -20.54 15.66 16.62
N CYS B 211 -20.58 14.61 17.44
CA CYS B 211 -20.32 13.26 16.92
C CYS B 211 -21.39 12.82 15.94
N LYS B 212 -22.65 13.09 16.27
CA LYS B 212 -23.72 12.67 15.37
C LYS B 212 -23.66 13.44 14.05
N THR B 213 -23.32 14.74 14.12
CA THR B 213 -23.16 15.49 12.90
C THR B 213 -22.00 14.95 12.09
N ASN B 214 -20.89 14.64 12.76
N ASN B 214 -20.89 14.62 12.76
CA ASN B 214 -19.70 14.14 12.08
CA ASN B 214 -19.72 14.15 12.05
C ASN B 214 -19.94 12.77 11.47
C ASN B 214 -19.95 12.76 11.45
N THR B 215 -20.84 11.96 12.05
CA THR B 215 -21.21 10.69 11.42
CA THR B 215 -21.20 10.69 11.40
C THR B 215 -21.76 10.93 10.02
N GLN B 216 -22.66 11.91 9.89
CA GLN B 216 -23.25 12.21 8.59
CA GLN B 216 -23.26 12.22 8.59
C GLN B 216 -22.24 12.84 7.66
N THR B 217 -21.39 13.73 8.18
CA THR B 217 -20.33 14.32 7.37
C THR B 217 -19.41 13.25 6.80
N ASP B 218 -19.04 12.28 7.63
CA ASP B 218 -18.16 11.19 7.16
C ASP B 218 -18.86 10.35 6.12
N ARG B 219 -20.16 10.10 6.30
CA ARG B 219 -20.90 9.35 5.30
C ARG B 219 -20.85 10.05 3.95
N GLU B 220 -20.99 11.38 3.95
CA GLU B 220 -20.91 12.13 2.71
CA GLU B 220 -20.91 12.13 2.71
C GLU B 220 -19.48 12.15 2.16
N SER B 221 -18.48 12.23 3.04
CA SER B 221 -17.09 12.15 2.56
C SER B 221 -16.85 10.81 1.86
N LEU B 222 -17.29 9.73 2.48
CA LEU B 222 -17.12 8.41 1.86
C LEU B 222 -17.80 8.35 0.49
N ARG B 223 -19.02 8.91 0.38
CA ARG B 223 -19.71 8.92 -0.90
C ARG B 223 -18.94 9.74 -1.95
N ASN B 224 -18.45 10.92 -1.54
CA ASN B 224 -17.71 11.75 -2.47
C ASN B 224 -16.42 11.09 -2.91
N LEU B 225 -15.71 10.44 -1.98
CA LEU B 225 -14.42 9.83 -2.31
C LEU B 225 -14.59 8.65 -3.25
N ARG B 226 -15.63 7.84 -3.03
CA ARG B 226 -15.90 6.73 -3.92
C ARG B 226 -16.04 7.19 -5.37
N GLY B 227 -16.77 8.28 -5.59
CA GLY B 227 -16.87 8.81 -6.93
C GLY B 227 -15.56 9.36 -7.46
N CYS B 228 -14.75 9.93 -6.56
CA CYS B 228 -13.47 10.51 -6.98
C CYS B 228 -12.57 9.46 -7.62
N TYR B 229 -12.46 8.29 -7.00
CA TYR B 229 -11.63 7.22 -7.52
C TYR B 229 -12.40 6.26 -8.42
N ASN B 230 -13.56 6.68 -8.92
CA ASN B 230 -14.40 5.86 -9.80
C ASN B 230 -14.64 4.48 -9.20
N GLN B 231 -14.86 4.43 -7.89
CA GLN B 231 -14.98 3.16 -7.21
C GLN B 231 -16.44 2.72 -7.14
N SER B 232 -16.62 1.41 -7.10
CA SER B 232 -17.95 0.83 -7.05
C SER B 232 -18.62 1.13 -5.72
N GLU B 233 -19.95 1.19 -5.75
CA GLU B 233 -20.70 1.31 -4.49
C GLU B 233 -20.70 0.01 -3.68
N ALA B 234 -20.21 -1.08 -4.25
CA ALA B 234 -20.31 -2.39 -3.60
C ALA B 234 -19.17 -2.67 -2.63
N GLY B 235 -18.08 -1.89 -2.65
CA GLY B 235 -16.92 -2.16 -1.83
C GLY B 235 -16.88 -1.34 -0.55
N SER B 236 -16.23 -1.88 0.49
CA SER B 236 -16.06 -1.19 1.76
C SER B 236 -14.80 -0.34 1.77
N HIS B 237 -14.94 0.89 2.28
CA HIS B 237 -13.84 1.84 2.35
C HIS B 237 -13.84 2.51 3.71
N THR B 238 -12.70 3.13 4.03
CA THR B 238 -12.42 3.66 5.36
C THR B 238 -12.04 5.12 5.26
N TRP B 239 -12.58 5.94 6.16
CA TRP B 239 -12.21 7.35 6.23
C TRP B 239 -11.83 7.62 7.68
N GLN B 240 -10.57 7.98 7.91
CA GLN B 240 -10.08 8.22 9.26
C GLN B 240 -9.66 9.66 9.42
N THR B 241 -9.94 10.23 10.61
CA THR B 241 -9.56 11.59 10.92
C THR B 241 -8.87 11.63 12.27
N MET B 242 -7.86 12.49 12.39
CA MET B 242 -7.31 12.79 13.70
C MET B 242 -7.15 14.29 13.83
N TYR B 243 -7.33 14.81 15.05
CA TYR B 243 -6.92 16.18 15.29
C TYR B 243 -6.59 16.33 16.77
N GLY B 244 -5.91 17.42 17.10
CA GLY B 244 -5.65 17.70 18.49
C GLY B 244 -4.45 18.62 18.66
N CYS B 245 -4.07 18.82 19.91
CA CYS B 245 -3.06 19.84 20.20
C CYS B 245 -2.04 19.27 21.16
N ASP B 246 -0.82 19.82 21.09
CA ASP B 246 0.24 19.51 22.04
C ASP B 246 0.54 20.77 22.85
N VAL B 247 0.73 20.63 24.15
CA VAL B 247 1.09 21.77 25.00
C VAL B 247 2.35 21.46 25.79
N GLY B 248 3.07 22.52 26.17
CA GLY B 248 4.24 22.36 27.00
C GLY B 248 3.91 22.43 28.47
N PRO B 249 4.94 22.39 29.32
CA PRO B 249 4.71 22.40 30.77
C PRO B 249 3.95 23.63 31.25
N ASP B 250 4.09 24.75 30.55
CA ASP B 250 3.40 25.98 30.88
C ASP B 250 2.00 26.06 30.29
N GLY B 251 1.59 25.08 29.50
CA GLY B 251 0.29 25.10 28.88
C GLY B 251 0.22 25.79 27.54
N ARG B 252 1.32 26.35 27.02
CA ARG B 252 1.27 26.99 25.71
C ARG B 252 1.15 25.95 24.60
N LEU B 253 0.49 26.34 23.51
CA LEU B 253 0.43 25.52 22.31
C LEU B 253 1.82 25.28 21.74
N LEU B 254 2.20 24.01 21.59
CA LEU B 254 3.43 23.62 20.92
C LEU B 254 3.20 23.36 19.43
N ARG B 255 2.14 22.63 19.11
CA ARG B 255 1.67 22.56 17.73
C ARG B 255 0.30 21.92 17.68
N GLY B 256 -0.38 22.14 16.55
CA GLY B 256 -1.68 21.51 16.35
C GLY B 256 -1.63 20.52 15.21
N HIS B 257 -2.65 19.67 15.13
CA HIS B 257 -2.70 18.58 14.18
C HIS B 257 -4.11 18.40 13.63
N ASN B 258 -4.20 18.06 12.35
CA ASN B 258 -5.47 17.63 11.76
C ASN B 258 -5.14 16.92 10.47
N GLN B 259 -5.37 15.62 10.42
CA GLN B 259 -5.00 14.82 9.27
C GLN B 259 -6.15 13.88 8.96
N PHE B 260 -6.25 13.52 7.68
CA PHE B 260 -7.29 12.65 7.16
C PHE B 260 -6.66 11.57 6.29
N ALA B 261 -7.23 10.38 6.33
CA ALA B 261 -6.73 9.25 5.54
C ALA B 261 -7.90 8.50 4.91
N TYR B 262 -7.73 8.08 3.66
CA TYR B 262 -8.72 7.28 2.96
C TYR B 262 -8.11 5.92 2.68
N ASP B 263 -8.82 4.85 3.07
CA ASP B 263 -8.32 3.48 2.91
C ASP B 263 -6.89 3.32 3.45
N GLY B 264 -6.63 3.92 4.59
CA GLY B 264 -5.40 3.70 5.32
C GLY B 264 -4.20 4.45 4.79
N LYS B 265 -4.40 5.39 3.87
CA LYS B 265 -3.32 6.18 3.30
C LYS B 265 -3.60 7.66 3.48
N ASP B 266 -2.55 8.45 3.73
CA ASP B 266 -2.71 9.90 3.79
C ASP B 266 -3.55 10.40 2.63
N TYR B 267 -4.50 11.30 2.94
CA TYR B 267 -5.30 11.99 1.94
C TYR B 267 -5.06 13.49 1.97
N ILE B 268 -5.27 14.15 3.11
CA ILE B 268 -4.98 15.57 3.22
C ILE B 268 -4.64 15.85 4.66
N ALA B 269 -3.76 16.82 4.87
CA ALA B 269 -3.32 17.15 6.22
C ALA B 269 -3.15 18.65 6.35
N LEU B 270 -3.51 19.17 7.52
CA LEU B 270 -3.22 20.55 7.87
C LEU B 270 -1.74 20.69 8.20
N ASN B 271 -1.09 21.68 7.59
CA ASN B 271 0.33 21.88 7.84
C ASN B 271 0.54 22.52 9.20
N GLU B 272 1.80 22.47 9.66
CA GLU B 272 2.12 22.96 11.00
C GLU B 272 1.79 24.44 11.14
N ASP B 273 1.80 25.20 10.04
CA ASP B 273 1.44 26.61 10.17
C ASP B 273 -0.04 26.82 10.44
N LEU B 274 -0.85 25.75 10.42
CA LEU B 274 -2.29 25.80 10.66
C LEU B 274 -3.00 26.74 9.68
N SER B 275 -2.40 26.95 8.51
CA SER B 275 -2.93 27.91 7.53
CA SER B 275 -2.98 27.88 7.54
C SER B 275 -2.86 27.39 6.10
N SER B 276 -2.46 26.14 5.89
CA SER B 276 -2.28 25.59 4.56
C SER B 276 -2.40 24.08 4.65
N TRP B 277 -2.61 23.43 3.51
CA TRP B 277 -2.87 22.01 3.43
C TRP B 277 -1.81 21.30 2.59
N THR B 278 -1.54 20.04 2.92
CA THR B 278 -0.77 19.14 2.06
C THR B 278 -1.71 18.05 1.56
N ALA B 279 -1.94 18.04 0.24
CA ALA B 279 -2.84 17.08 -0.39
C ALA B 279 -2.05 15.95 -1.05
N ALA B 280 -2.51 14.72 -0.86
CA ALA B 280 -1.75 13.53 -1.28
C ALA B 280 -1.82 13.28 -2.78
N ASP B 281 -2.91 13.66 -3.45
CA ASP B 281 -3.06 13.37 -4.88
C ASP B 281 -4.04 14.34 -5.49
N THR B 282 -4.39 14.08 -6.76
CA THR B 282 -5.26 14.99 -7.50
C THR B 282 -6.65 15.10 -6.89
N ALA B 283 -7.21 13.97 -6.45
CA ALA B 283 -8.51 14.02 -5.77
C ALA B 283 -8.44 14.88 -4.53
N ALA B 284 -7.38 14.71 -3.74
CA ALA B 284 -7.26 15.48 -2.50
C ALA B 284 -7.08 16.97 -2.78
N GLN B 285 -6.48 17.31 -3.93
CA GLN B 285 -6.32 18.72 -4.28
C GLN B 285 -7.67 19.39 -4.54
N ILE B 286 -8.65 18.63 -5.03
CA ILE B 286 -10.01 19.16 -5.15
C ILE B 286 -10.57 19.50 -3.76
N THR B 287 -10.35 18.64 -2.78
CA THR B 287 -10.76 18.94 -1.42
C THR B 287 -9.98 20.14 -0.89
N GLN B 288 -8.69 20.21 -1.17
CA GLN B 288 -7.89 21.35 -0.73
C GLN B 288 -8.47 22.65 -1.23
N ARG B 289 -8.78 22.73 -2.53
CA ARG B 289 -9.34 23.96 -3.08
C ARG B 289 -10.68 24.29 -2.45
N LYS B 290 -11.51 23.28 -2.19
CA LYS B 290 -12.79 23.52 -1.53
C LYS B 290 -12.60 24.07 -0.12
N TRP B 291 -11.68 23.47 0.64
CA TRP B 291 -11.49 23.88 2.02
C TRP B 291 -10.77 25.23 2.10
N GLU B 292 -9.94 25.55 1.10
CA GLU B 292 -9.35 26.87 1.05
C GLU B 292 -10.41 27.94 0.85
N ALA B 293 -11.30 27.72 -0.13
CA ALA B 293 -12.38 28.67 -0.39
C ALA B 293 -13.29 28.83 0.82
N ALA B 294 -13.57 27.74 1.53
CA ALA B 294 -14.43 27.76 2.71
C ALA B 294 -13.71 28.19 3.98
N ARG B 295 -12.41 28.54 3.89
CA ARG B 295 -11.60 28.99 5.03
C ARG B 295 -11.63 27.99 6.18
N VAL B 296 -11.54 26.70 5.84
CA VAL B 296 -11.58 25.65 6.87
C VAL B 296 -10.36 25.73 7.79
N ALA B 297 -9.19 26.02 7.24
CA ALA B 297 -7.98 26.07 8.07
C ALA B 297 -8.10 27.13 9.15
N GLU B 298 -8.67 28.29 8.82
CA GLU B 298 -8.84 29.33 9.81
C GLU B 298 -9.73 28.87 10.95
N GLN B 299 -10.79 28.12 10.65
CA GLN B 299 -11.64 27.57 11.69
C GLN B 299 -10.90 26.55 12.54
N LEU B 300 -10.10 25.69 11.91
CA LEU B 300 -9.37 24.71 12.69
CA LEU B 300 -9.36 24.70 12.68
C LEU B 300 -8.28 25.37 13.52
N ARG B 301 -7.61 26.38 12.97
CA ARG B 301 -6.62 27.12 13.74
C ARG B 301 -7.26 27.76 14.96
N THR B 302 -8.43 28.37 14.77
CA THR B 302 -9.12 29.00 15.90
C THR B 302 -9.43 27.97 16.99
N TYR B 303 -9.86 26.78 16.58
CA TYR B 303 -10.13 25.72 17.54
C TYR B 303 -8.85 25.24 18.22
N LEU B 304 -7.80 25.00 17.43
CA LEU B 304 -6.59 24.42 17.99
C LEU B 304 -5.88 25.38 18.95
N GLU B 305 -5.90 26.67 18.64
CA GLU B 305 -5.25 27.67 19.50
C GLU B 305 -6.14 28.10 20.66
N GLY B 306 -7.42 27.79 20.61
CA GLY B 306 -8.35 28.23 21.64
C GLY B 306 -8.95 27.06 22.38
N THR B 307 -10.11 26.60 21.91
CA THR B 307 -10.85 25.53 22.59
C THR B 307 -9.96 24.33 22.94
N CYS B 308 -9.16 23.86 21.97
CA CYS B 308 -8.38 22.64 22.21
C CYS B 308 -7.44 22.80 23.40
N VAL B 309 -6.65 23.87 23.41
CA VAL B 309 -5.68 24.04 24.48
CA VAL B 309 -5.69 24.03 24.49
C VAL B 309 -6.40 24.36 25.79
N GLU B 310 -7.49 25.13 25.73
CA GLU B 310 -8.17 25.51 26.96
C GLU B 310 -8.80 24.29 27.64
N TRP B 311 -9.45 23.43 26.86
CA TRP B 311 -10.00 22.23 27.46
C TRP B 311 -8.91 21.25 27.89
N LEU B 312 -7.82 21.14 27.12
CA LEU B 312 -6.76 20.26 27.56
C LEU B 312 -6.19 20.71 28.92
N ARG B 313 -5.98 22.01 29.07
CA ARG B 313 -5.51 22.53 30.37
C ARG B 313 -6.49 22.18 31.48
N ARG B 314 -7.78 22.29 31.20
CA ARG B 314 -8.81 21.94 32.19
C ARG B 314 -8.72 20.46 32.56
N TYR B 315 -8.62 19.58 31.56
CA TYR B 315 -8.54 18.14 31.82
C TYR B 315 -7.30 17.81 32.64
N LEU B 316 -6.16 18.42 32.31
CA LEU B 316 -4.94 18.15 33.04
C LEU B 316 -5.07 18.56 34.51
N GLU B 317 -5.77 19.66 34.78
CA GLU B 317 -5.98 20.07 36.16
C GLU B 317 -6.96 19.13 36.86
N ASN B 318 -8.07 18.81 36.20
CA ASN B 318 -9.08 17.98 36.85
C ASN B 318 -8.60 16.55 37.05
N GLY B 319 -7.73 16.06 36.17
CA GLY B 319 -7.19 14.72 36.31
C GLY B 319 -5.75 14.69 36.77
N LYS B 320 -5.28 15.72 37.47
CA LYS B 320 -3.84 15.85 37.70
C LYS B 320 -3.28 14.66 38.45
N GLU B 321 -4.07 14.07 39.35
CA GLU B 321 -3.54 12.99 40.20
C GLU B 321 -3.15 11.77 39.39
N THR B 322 -3.72 11.60 38.20
CA THR B 322 -3.29 10.53 37.32
C THR B 322 -2.61 11.03 36.06
N LEU B 323 -3.13 12.11 35.43
CA LEU B 323 -2.58 12.54 34.15
C LEU B 323 -1.19 13.17 34.28
N GLN B 324 -0.87 13.77 35.43
CA GLN B 324 0.40 14.45 35.58
C GLN B 324 1.34 13.67 36.48
N ARG B 325 1.12 12.36 36.57
CA ARG B 325 1.96 11.42 37.31
C ARG B 325 2.50 10.43 36.31
N ALA B 326 3.82 10.42 36.13
CA ALA B 326 4.44 9.40 35.30
C ALA B 326 4.81 8.20 36.15
N ASP B 327 4.49 7.01 35.66
CA ASP B 327 4.85 5.77 36.33
C ASP B 327 6.10 5.22 35.67
N PRO B 328 7.22 5.13 36.39
CA PRO B 328 8.45 4.66 35.75
C PRO B 328 8.37 3.17 35.49
N PRO B 329 9.15 2.66 34.52
CA PRO B 329 9.13 1.21 34.25
C PRO B 329 9.75 0.41 35.38
N LYS B 330 9.17 -0.76 35.62
CA LYS B 330 9.82 -1.79 36.41
C LYS B 330 10.55 -2.71 35.44
N THR B 331 11.85 -2.90 35.65
CA THR B 331 12.71 -3.51 34.66
C THR B 331 13.44 -4.74 35.19
N HIS B 332 13.65 -5.73 34.30
CA HIS B 332 14.54 -6.85 34.57
C HIS B 332 15.00 -7.46 33.26
N VAL B 333 16.02 -8.32 33.34
CA VAL B 333 16.61 -8.99 32.20
C VAL B 333 16.49 -10.50 32.39
N THR B 334 16.01 -11.20 31.36
CA THR B 334 15.98 -12.65 31.38
C THR B 334 16.95 -13.22 30.37
N HIS B 335 17.19 -14.52 30.50
CA HIS B 335 18.25 -15.22 29.76
C HIS B 335 17.75 -16.59 29.36
N HIS B 336 17.70 -16.87 28.06
CA HIS B 336 17.33 -18.20 27.55
C HIS B 336 18.39 -18.68 26.57
N PRO B 337 19.02 -19.82 26.82
CA PRO B 337 19.83 -20.45 25.76
C PRO B 337 18.96 -20.78 24.55
N ILE B 338 19.49 -20.50 23.36
CA ILE B 338 18.81 -20.86 22.13
C ILE B 338 19.52 -21.96 21.37
N SER B 339 20.81 -22.21 21.65
CA SER B 339 21.56 -23.28 21.02
C SER B 339 22.69 -23.64 21.96
N ASP B 340 23.56 -24.53 21.53
CA ASP B 340 24.70 -24.87 22.38
C ASP B 340 25.78 -23.79 22.37
N HIS B 341 25.55 -22.67 21.68
CA HIS B 341 26.56 -21.63 21.58
C HIS B 341 26.01 -20.21 21.60
N GLU B 342 24.70 -20.02 21.73
CA GLU B 342 24.11 -18.68 21.79
C GLU B 342 22.96 -18.65 22.80
N ALA B 343 22.67 -17.45 23.28
CA ALA B 343 21.58 -17.22 24.22
C ALA B 343 20.88 -15.91 23.86
N THR B 344 19.60 -15.82 24.24
CA THR B 344 18.85 -14.58 24.12
C THR B 344 18.82 -13.86 25.47
N LEU B 345 19.18 -12.58 25.45
CA LEU B 345 18.95 -11.67 26.55
C LEU B 345 17.73 -10.83 26.24
N ARG B 346 16.75 -10.82 27.14
CA ARG B 346 15.54 -10.04 26.94
C ARG B 346 15.41 -9.03 28.07
N CYS B 347 15.26 -7.76 27.70
CA CYS B 347 15.13 -6.66 28.63
C CYS B 347 13.66 -6.25 28.70
N TRP B 348 13.08 -6.31 29.89
CA TRP B 348 11.66 -6.07 30.12
C TRP B 348 11.41 -4.73 30.79
N ALA B 349 10.37 -4.03 30.35
CA ALA B 349 9.88 -2.83 31.03
C ALA B 349 8.39 -3.02 31.25
N LEU B 350 7.96 -2.95 32.51
CA LEU B 350 6.56 -3.18 32.86
C LEU B 350 5.99 -2.04 33.70
N GLY B 351 4.69 -1.83 33.55
CA GLY B 351 3.93 -0.94 34.41
C GLY B 351 4.19 0.54 34.24
N PHE B 352 4.64 0.98 33.07
CA PHE B 352 5.00 2.38 32.89
C PHE B 352 3.89 3.18 32.22
N TYR B 353 3.94 4.48 32.46
CA TYR B 353 3.01 5.43 31.87
C TYR B 353 3.74 6.77 31.83
N PRO B 354 3.68 7.52 30.74
CA PRO B 354 2.99 7.23 29.47
C PRO B 354 3.70 6.15 28.65
N ALA B 355 3.19 5.86 27.46
CA ALA B 355 3.64 4.70 26.69
C ALA B 355 5.01 4.90 26.05
N GLU B 356 5.41 6.15 25.78
CA GLU B 356 6.68 6.39 25.11
C GLU B 356 7.82 5.88 25.96
N ILE B 357 8.70 5.09 25.35
CA ILE B 357 9.84 4.51 26.05
C ILE B 357 10.88 4.13 25.00
N THR B 358 12.14 4.08 25.40
CA THR B 358 13.19 3.60 24.52
C THR B 358 13.98 2.52 25.24
N LEU B 359 14.01 1.32 24.65
CA LEU B 359 14.83 0.21 25.13
C LEU B 359 15.94 -0.03 24.12
N THR B 360 17.18 -0.06 24.59
CA THR B 360 18.30 -0.33 23.70
C THR B 360 19.26 -1.33 24.34
N TRP B 361 19.74 -2.26 23.54
CA TRP B 361 20.81 -3.17 23.97
C TRP B 361 22.15 -2.64 23.48
N GLN B 362 23.14 -2.69 24.37
CA GLN B 362 24.48 -2.25 24.02
C GLN B 362 25.47 -3.37 24.30
N ARG B 363 26.50 -3.45 23.46
CA ARG B 363 27.64 -4.33 23.70
C ARG B 363 28.85 -3.43 23.88
N ASP B 364 29.48 -3.53 25.06
CA ASP B 364 30.57 -2.62 25.41
C ASP B 364 30.15 -1.16 25.24
N GLY B 365 28.90 -0.87 25.57
CA GLY B 365 28.37 0.47 25.47
C GLY B 365 27.96 0.92 24.08
N GLU B 366 28.10 0.09 23.06
CA GLU B 366 27.72 0.46 21.71
C GLU B 366 26.37 -0.13 21.35
N ASP B 367 25.46 0.70 20.83
CA ASP B 367 24.11 0.25 20.49
C ASP B 367 24.15 -0.91 19.50
N GLN B 368 23.38 -1.95 19.79
CA GLN B 368 23.26 -3.12 18.92
C GLN B 368 21.97 -3.03 18.11
N THR B 369 21.89 -1.99 17.28
CA THR B 369 20.62 -1.65 16.64
C THR B 369 20.16 -2.75 15.70
N GLN B 370 21.05 -3.23 14.82
CA GLN B 370 20.64 -4.20 13.81
C GLN B 370 20.19 -5.52 14.42
N ASP B 371 20.79 -5.91 15.54
CA ASP B 371 20.54 -7.23 16.11
C ASP B 371 19.51 -7.22 17.24
N THR B 372 18.91 -6.07 17.54
CA THR B 372 17.93 -5.97 18.62
C THR B 372 16.52 -6.14 18.08
N GLU B 373 15.79 -7.08 18.66
CA GLU B 373 14.38 -7.30 18.34
C GLU B 373 13.52 -6.59 19.38
N LEU B 374 12.57 -5.77 18.91
CA LEU B 374 11.68 -5.01 19.78
C LEU B 374 10.25 -5.39 19.47
N VAL B 375 9.43 -5.63 20.51
CA VAL B 375 8.00 -5.74 20.29
C VAL B 375 7.38 -4.37 20.40
N GLU B 376 6.24 -4.22 19.71
CA GLU B 376 5.42 -3.03 19.89
C GLU B 376 5.05 -2.86 21.36
N THR B 377 5.16 -1.63 21.85
CA THR B 377 4.66 -1.30 23.18
C THR B 377 3.19 -1.66 23.27
N ARG B 378 2.80 -2.30 24.37
CA ARG B 378 1.48 -2.89 24.46
C ARG B 378 0.79 -2.50 25.76
N PRO B 379 -0.53 -2.35 25.74
CA PRO B 379 -1.25 -1.94 26.96
C PRO B 379 -1.44 -3.08 27.94
N ALA B 380 -1.22 -2.80 29.22
CA ALA B 380 -1.52 -3.81 30.23
C ALA B 380 -3.02 -3.91 30.55
N GLY B 381 -3.78 -2.87 30.24
CA GLY B 381 -5.20 -2.84 30.54
C GLY B 381 -5.58 -1.99 31.72
N ASP B 382 -4.60 -1.55 32.52
CA ASP B 382 -4.82 -0.74 33.70
C ASP B 382 -4.23 0.67 33.54
N ARG B 383 -4.13 1.14 32.30
CA ARG B 383 -3.53 2.42 31.92
C ARG B 383 -2.00 2.43 31.98
N THR B 384 -1.35 1.30 32.21
CA THR B 384 0.10 1.21 32.08
C THR B 384 0.47 0.38 30.85
N PHE B 385 1.76 0.39 30.52
CA PHE B 385 2.23 -0.22 29.29
C PHE B 385 3.39 -1.17 29.56
N GLN B 386 3.73 -1.97 28.54
CA GLN B 386 4.76 -2.97 28.63
C GLN B 386 5.56 -3.01 27.33
N LYS B 387 6.83 -3.39 27.43
CA LYS B 387 7.66 -3.54 26.24
C LYS B 387 8.86 -4.39 26.58
N TRP B 388 9.40 -5.09 25.57
CA TRP B 388 10.66 -5.78 25.77
C TRP B 388 11.54 -5.67 24.54
N ALA B 389 12.84 -5.84 24.76
CA ALA B 389 13.84 -5.83 23.71
C ALA B 389 14.75 -7.02 23.91
N ALA B 390 15.10 -7.71 22.83
CA ALA B 390 15.91 -8.92 22.92
C ALA B 390 17.10 -8.85 21.98
N VAL B 391 18.20 -9.48 22.40
CA VAL B 391 19.40 -9.61 21.57
C VAL B 391 19.95 -11.02 21.76
N VAL B 392 20.51 -11.59 20.69
CA VAL B 392 21.14 -12.90 20.72
C VAL B 392 22.64 -12.70 20.88
N VAL B 393 23.24 -13.37 21.86
CA VAL B 393 24.64 -13.15 22.18
C VAL B 393 25.38 -14.47 22.21
N PRO B 394 26.68 -14.49 21.93
CA PRO B 394 27.45 -15.73 22.10
C PRO B 394 27.46 -16.14 23.56
N SER B 395 27.33 -17.45 23.80
CA SER B 395 27.37 -17.96 25.16
C SER B 395 28.68 -17.56 25.83
N GLY B 396 28.57 -17.01 27.03
CA GLY B 396 29.75 -16.59 27.78
C GLY B 396 30.11 -15.12 27.63
N GLU B 397 29.45 -14.40 26.72
CA GLU B 397 29.69 -12.98 26.55
C GLU B 397 28.55 -12.13 27.09
N GLU B 398 27.61 -12.74 27.83
CA GLU B 398 26.45 -12.02 28.34
C GLU B 398 26.86 -10.78 29.13
N GLN B 399 27.97 -10.87 29.85
CA GLN B 399 28.35 -9.76 30.73
C GLN B 399 28.81 -8.52 29.97
N ARG B 400 29.02 -8.61 28.66
CA ARG B 400 29.42 -7.46 27.87
C ARG B 400 28.23 -6.65 27.38
N TYR B 401 27.01 -7.09 27.67
CA TYR B 401 25.80 -6.46 27.18
C TYR B 401 25.07 -5.74 28.31
N THR B 402 24.53 -4.57 28.00
CA THR B 402 23.70 -3.83 28.95
C THR B 402 22.46 -3.34 28.23
N CYS B 403 21.35 -3.31 28.95
CA CYS B 403 20.11 -2.76 28.47
C CYS B 403 19.93 -1.35 29.02
N HIS B 404 19.57 -0.41 28.16
CA HIS B 404 19.40 0.98 28.54
C HIS B 404 17.94 1.38 28.34
N VAL B 405 17.35 1.96 29.38
CA VAL B 405 15.93 2.26 29.43
C VAL B 405 15.76 3.76 29.62
N GLN B 406 15.04 4.39 28.70
CA GLN B 406 14.74 5.81 28.78
C GLN B 406 13.24 5.99 28.89
N HIS B 407 12.81 6.75 29.90
CA HIS B 407 11.39 6.98 30.12
C HIS B 407 11.21 8.28 30.90
N GLU B 408 10.10 8.96 30.61
CA GLU B 408 9.78 10.24 31.26
C GLU B 408 9.75 10.12 32.77
N GLY B 409 9.39 8.95 33.30
CA GLY B 409 9.30 8.72 34.72
C GLY B 409 10.62 8.48 35.41
N LEU B 410 11.72 8.43 34.66
CA LEU B 410 13.04 8.17 35.21
C LEU B 410 13.83 9.45 35.26
N PRO B 411 14.37 9.85 36.42
CA PRO B 411 15.23 11.05 36.45
C PRO B 411 16.41 10.94 35.51
N LYS B 412 17.01 9.76 35.41
CA LYS B 412 18.09 9.45 34.48
C LYS B 412 17.78 8.10 33.88
N PRO B 413 18.34 7.79 32.70
CA PRO B 413 18.10 6.47 32.13
C PRO B 413 18.65 5.37 33.04
N LEU B 414 18.02 4.20 32.94
CA LEU B 414 18.44 3.03 33.69
C LEU B 414 19.32 2.14 32.82
N THR B 415 20.28 1.48 33.46
CA THR B 415 21.09 0.44 32.83
C THR B 415 20.90 -0.86 33.59
N LEU B 416 20.81 -1.97 32.86
CA LEU B 416 20.66 -3.30 33.45
C LEU B 416 21.64 -4.26 32.80
N ARG B 417 22.14 -5.19 33.61
CA ARG B 417 23.06 -6.24 33.12
C ARG B 417 22.52 -7.56 33.69
N TRP B 418 22.56 -8.63 32.90
CA TRP B 418 22.07 -9.94 33.37
C TRP B 418 22.96 -10.53 34.47
N GLU B 419 22.34 -11.24 35.42
CA GLU B 419 23.07 -11.91 36.52
C GLU B 419 23.86 -13.12 36.01
S SO4 C . -2.70 -20.34 -11.89
O1 SO4 C . -3.23 -19.72 -10.63
O2 SO4 C . -3.58 -19.92 -13.01
O3 SO4 C . -1.31 -19.86 -12.17
O4 SO4 C . -2.70 -21.83 -11.77
S SO4 D . -3.32 -18.75 -18.11
O1 SO4 D . -4.44 -18.12 -18.88
O2 SO4 D . -2.02 -18.28 -18.69
O3 SO4 D . -3.44 -18.34 -16.67
O4 SO4 D . -3.40 -20.24 -18.23
S SO4 E . -10.89 35.38 -19.76
O1 SO4 E . -11.91 35.81 -20.78
O2 SO4 E . -9.64 34.94 -20.45
O3 SO4 E . -10.57 36.55 -18.87
O4 SO4 E . -11.43 34.25 -18.94
S SO4 F . -18.10 11.86 -23.68
O1 SO4 F . -18.53 13.11 -22.97
O2 SO4 F . -17.26 12.25 -24.87
O3 SO4 F . -17.28 11.02 -22.75
O4 SO4 F . -19.30 11.09 -24.14
S SO4 G . 5.25 2.32 -16.85
O1 SO4 G . 4.68 2.86 -15.57
O2 SO4 G . 4.16 2.19 -17.86
O3 SO4 G . 6.31 3.25 -17.36
O4 SO4 G . 5.88 0.99 -16.60
S SO4 H . -1.16 -16.73 6.89
O1 SO4 H . -2.55 -16.62 7.43
O2 SO4 H . -1.17 -17.80 5.81
O3 SO4 H . -0.72 -15.42 6.32
O4 SO4 H . -0.23 -17.14 7.97
S SO4 I . -0.17 4.48 -5.35
O1 SO4 I . -0.57 4.05 -6.73
O2 SO4 I . 0.75 3.47 -4.74
O3 SO4 I . 0.53 5.82 -5.42
O4 SO4 I . -1.40 4.62 -4.50
C1 EDO J . 24.32 -16.02 -16.02
O1 EDO J . 24.18 -15.19 -14.88
C2 EDO J . 25.78 -16.13 -16.33
O2 EDO J . 26.36 -17.09 -15.48
C1 EDO K . -24.02 -6.01 -41.10
C1 EDO K . -24.11 -5.62 -41.14
O1 EDO K . -24.27 -4.61 -41.00
O1 EDO K . -23.66 -4.28 -41.07
C2 EDO K . -22.72 -6.22 -41.83
C2 EDO K . -23.23 -6.39 -42.10
O2 EDO K . -22.83 -5.70 -43.14
O2 EDO K . -21.89 -6.33 -41.66
C1 EDO L . -13.74 1.96 -29.77
O1 EDO L . -13.81 1.45 -28.46
C2 EDO L . -12.51 1.42 -30.48
O2 EDO L . -12.82 0.19 -31.11
C1 EDO M . 2.83 -25.31 -24.90
O1 EDO M . 2.57 -25.55 -23.54
C2 EDO M . 4.28 -24.98 -25.11
O2 EDO M . 5.08 -26.01 -24.57
C1 EDO N . 9.61 -22.26 -29.11
O1 EDO N . 10.78 -22.99 -28.80
C2 EDO N . 9.35 -22.35 -30.60
O2 EDO N . 10.51 -22.06 -31.33
C1 EDO O . 26.74 -10.12 -27.49
O1 EDO O . 27.79 -10.54 -26.64
C2 EDO O . 27.01 -10.57 -28.91
O2 EDO O . 27.25 -11.95 -28.94
C1 EDO P . 8.42 -2.44 -21.59
O1 EDO P . 8.63 -1.38 -20.68
C2 EDO P . 6.96 -2.84 -21.65
O2 EDO P . 6.22 -2.01 -22.51
C1 EDO Q . 3.82 0.21 -20.28
O1 EDO Q . 3.35 -1.09 -20.56
C2 EDO Q . 3.53 1.13 -21.44
O2 EDO Q . 2.66 0.50 -22.36
C1 PEG R . 17.89 -20.91 1.24
O1 PEG R . 16.56 -21.22 0.88
C2 PEG R . 17.91 -20.05 2.47
O2 PEG R . 18.82 -18.99 2.34
C3 PEG R . 19.17 -18.47 3.60
C4 PEG R . 19.67 -17.05 3.45
O4 PEG R . 20.23 -16.65 4.67
C1 PEG S . -9.91 -15.97 -10.99
O1 PEG S . -9.31 -17.24 -10.90
C2 PEG S . -9.81 -15.28 -9.66
O2 PEG S . -10.42 -14.01 -9.72
C3 PEG S . -11.66 -13.98 -9.06
C4 PEG S . -11.43 -13.88 -7.57
O4 PEG S . -12.59 -13.36 -6.95
S SO4 T . 1.87 5.38 17.57
O1 SO4 T . 0.70 6.30 17.37
O2 SO4 T . 2.60 5.24 16.27
O3 SO4 T . 2.78 5.95 18.61
O4 SO4 T . 1.38 4.03 18.02
S SO4 U . -19.92 -4.31 11.27
O1 SO4 U . -21.37 -4.10 10.97
O2 SO4 U . -19.19 -4.57 9.99
O3 SO4 U . -19.34 -3.09 11.93
O4 SO4 U . -19.78 -5.50 12.17
S SO4 V . -18.06 -4.78 17.92
O1 SO4 V . -19.53 -4.77 17.62
O2 SO4 V . -17.30 -5.16 16.68
O3 SO4 V . -17.62 -3.42 18.40
O4 SO4 V . -17.78 -5.78 19.01
S SO4 W . -16.39 -21.21 18.63
O1 SO4 W . -16.43 -19.72 18.57
O2 SO4 W . -17.23 -21.76 17.50
O3 SO4 W . -14.97 -21.68 18.47
O4 SO4 W . -16.93 -21.69 19.94
S SO4 X . -11.04 -17.73 36.67
O1 SO4 X . -12.32 -17.48 35.94
O2 SO4 X . -9.95 -18.04 35.69
O3 SO4 X . -10.69 -16.49 37.44
O4 SO4 X . -11.19 -18.88 37.62
S SO4 Y . 13.62 -16.75 23.29
O1 SO4 Y . 13.07 -15.75 22.33
O2 SO4 Y . 14.99 -17.15 22.85
O3 SO4 Y . 13.69 -16.16 24.67
O4 SO4 Y . 12.72 -17.96 23.31
S SO4 Z . 36.31 -8.80 21.28
O1 SO4 Z . 34.99 -8.73 20.57
O2 SO4 Z . 37.33 -9.41 20.36
O3 SO4 Z . 36.76 -7.42 21.65
O4 SO4 Z . 36.18 -9.64 22.51
S SO4 AA . -23.13 7.42 30.26
O1 SO4 AA . -23.13 8.47 31.33
O2 SO4 AA . -23.05 8.07 28.91
O3 SO4 AA . -21.95 6.51 30.45
O4 SO4 AA . -24.39 6.62 30.34
CL CL BA . -16.97 -3.85 -7.80
CL CL CA . 20.05 -25.49 23.72
C1 EDO DA . -20.29 17.88 -1.29
O1 EDO DA . -21.10 16.73 -1.26
C2 EDO DA . -19.91 18.21 -2.71
O2 EDO DA . -18.65 18.83 -2.71
C1 EDO EA . -18.85 24.51 16.17
O1 EDO EA . -18.73 25.73 16.87
C2 EDO EA . -18.02 23.42 16.83
O2 EDO EA . -16.88 23.18 16.04
C1 EDO FA . -3.61 -23.59 40.64
O1 EDO FA . -4.36 -24.64 41.21
C2 EDO FA . -2.19 -24.03 40.42
O2 EDO FA . -2.12 -25.08 39.47
C1 EDO GA . 3.50 1.84 3.87
O1 EDO GA . 3.71 1.64 2.49
C2 EDO GA . 4.30 0.84 4.67
O2 EDO GA . 5.65 1.24 4.66
C1 EDO HA . 6.18 1.68 19.17
O1 EDO HA . 5.81 0.47 19.80
C2 EDO HA . 7.30 1.45 18.19
O2 EDO HA . 7.00 0.33 17.39
C1 EDO IA . -2.74 8.41 22.26
O1 EDO IA . -2.06 9.07 21.21
C2 EDO IA . -3.12 6.99 21.89
O2 EDO IA . -2.51 6.08 22.80
C1 EDO JA . -0.22 3.99 21.99
O1 EDO JA . 0.43 5.19 22.35
C2 EDO JA . 0.57 2.81 22.50
O2 EDO JA . 1.93 2.97 22.18
C1 EDO KA . 0.57 7.58 3.29
O1 EDO KA . -0.03 7.13 4.48
C2 EDO KA . 0.71 6.45 2.30
O2 EDO KA . 0.46 6.98 1.01
C1 EDO LA . -24.93 1.64 25.62
O1 EDO LA . -23.61 1.88 25.17
C2 EDO LA . -25.91 1.92 24.52
O2 EDO LA . -25.76 0.92 23.52
C5 P3G MA . 16.41 -2.21 38.04
C6 P3G MA . 17.65 -1.41 38.32
O3 P3G MA . 18.80 -2.24 38.35
C7 P3G MA . 19.94 -1.59 38.86
C8 P3G MA . 20.38 -0.48 37.94
O4 P3G MA . 21.16 0.47 38.62
C9 P3G MA . 22.02 1.16 37.76
C10 P3G MA . 21.28 2.20 36.97
O5 P3G MA . 21.56 3.48 37.49
C11 P3G MA . 21.30 4.51 36.57
C12 P3G MA . 22.52 4.88 35.79
O6 P3G MA . 22.19 5.90 34.87
C13 P3G MA . 23.23 6.23 33.99
C14 P3G MA . 23.40 7.73 33.94
O7 P3G MA . 24.39 8.06 32.99
C15 P3G MA . 25.21 9.15 33.36
C16 P3G MA . 26.34 9.25 32.35
C1 GOL NA . -7.54 8.42 -11.50
O1 GOL NA . -7.60 9.80 -11.27
C2 GOL NA . -8.21 7.68 -10.36
O2 GOL NA . -9.52 8.18 -10.21
C3 GOL NA . -8.21 6.17 -10.61
O3 GOL NA . -7.64 5.54 -9.49
#